data_9JHP
#
_entry.id   9JHP
#
_cell.length_a   1.00
_cell.length_b   1.00
_cell.length_c   1.00
_cell.angle_alpha   90.00
_cell.angle_beta   90.00
_cell.angle_gamma   90.00
#
_symmetry.space_group_name_H-M   'P 1'
#
loop_
_entity.id
_entity.type
_entity.pdbx_description
1 polymer 'Guanine nucleotide-binding protein subunit alpha-13'
2 polymer 'Guanine nucleotide-binding protein G(I)/G(S)/G(T) subunit beta-1'
3 polymer scFv16
4 polymer 'Guanine nucleotide-binding protein G(I)/G(S)/G(O) subunit gamma-2'
5 polymer 'G-protein coupled receptor 4'
#
loop_
_entity_poly.entity_id
_entity_poly.type
_entity_poly.pdbx_seq_one_letter_code
_entity_poly.pdbx_strand_id
1 'polypeptide(L)'
;MGSTVSAEDKAAAERSKEIDKCLSREKTYVKRLVKILLLGADNSGKSTFLKQMRIIHGGSGGSGGTKGIHEYDFEIKNVP
FKMVDVGGQRSERKRWFECFDSVTSILFLVDSSDFNRLTESLNDFETIVNNRVFSNVSIILFLNKTDLLEEKVQIVSIKD
YFLEFEGDPHCLRDVQKFLVECFRNKRRDQQQKPLYHHFTTAINTENARLIFRDVKDTILHDNLKQLMLQ
;
A
2 'polypeptide(L)'
;IGRARGFSELDQLRQEAEQLKNQIRDARKACADATLSQITNNIDPVGRIQMRTRRTLRGHLAKIYAMHWGTDSRLLVSAS
QDGKLIIWDSYTTNKVHAIPLRSSWVMTCAYAPSGNYVACGGLDNICSIYNLKTREGNVRVSRELAGHTGYLSCCRFLDD
NQIVTSSGDTTCALWDIETGQQTTTFTGHTGDVMSLSLAPDTRLFVSGACDASAKLWDVREGMCRQTFTGHESDINAICF
FPNGNAFATGSDDATCRLFDLRADQELMTYSHDNIICGITSVSFSKSGRLLLAGYDDFNCNVWDALKADRAGVLAGHDNR
VSCLGVTDDGMAVATGSWDSFLKIWN
;
B
3 'polypeptide(L)'
;MVSAIVLYVLLAAAAHSAFADVQLVESGGGLVQPGGSRKLSCSASGFAFSSFGMHWVRQAPEKGLEWVAYISSGSGTIYY
ADTVKGRFTISRDDPKNTLFLQMTSLRSEDTAMYYCVRSIYYYGSSPFDFWGQGTTLTVSSGGGGSGGGGSGGGGSDIVM
TQATSSVPVTPGESVSISCRSSKSLLHSNGNTYLYWFLQRPGQSPQLLIYRMSNLASGVPDRFSGSGSGTAFTLTISRLE
AEDVGVYYCMQHLEYPLTFGAGTKLELKAAAENLYFQSHHHHHHHH
;
S
4 'polypeptide(L)' MASNNTASIAQARKLVEQLKMEANIDRIKVSKAAADLMAYCEAHAKEDPLLTPVPASENPFREKKFFCAIL C
5 'polypeptide(L)'
;MGNHTWEGCHVDSRVDHLFPPSLYIFVIGVGLPTNCLALWAAYRQVQQRNELGVYLMNLSIADLLYICTLPLWVDYFLHH
DNWIHGPGSCKLFGFIFYTNIYISIAFLCCISVDRYLAVAHPLRFARLRRVKTAVAVSSVVWATELGANSAPLFHDELFR
DRYNHTFCFEKFPMEGWVAWMNLYRVFVGFLFPWALMLLSYRGILRAVRGSVSTERQEKAKIKRLALSLIAIVLVCFAPY
HVLLLSRSAIYLGRPWDCGFEERVFSAYHSSLAFTSLNCVADPILYCLVNEGARSDVAKALHNLLRFLASDKPQEMANAS
LTLETPLTSKRNSTAKAMTGSWAATPPSQGDQVQEFLEVLFQGPHHHHHHHHHH
;
R
#
# COMPACT_ATOMS: atom_id res chain seq x y z
N VAL A 5 14.45 9.24 21.69
CA VAL A 5 13.94 9.72 22.96
C VAL A 5 14.69 9.06 24.11
N SER A 6 15.26 7.89 23.84
CA SER A 6 16.02 7.16 24.86
C SER A 6 17.28 6.53 24.29
N ALA A 7 17.76 7.04 23.15
CA ALA A 7 18.94 6.52 22.45
C ALA A 7 18.72 5.12 21.92
N GLU A 8 17.53 4.56 22.12
CA GLU A 8 17.19 3.27 21.52
C GLU A 8 16.04 3.41 20.55
N ASP A 9 15.02 4.19 20.90
CA ASP A 9 13.96 4.48 19.95
C ASP A 9 14.50 5.25 18.74
N LYS A 10 15.59 5.99 18.91
CA LYS A 10 16.22 6.63 17.76
C LYS A 10 16.75 5.59 16.77
N ALA A 11 17.40 4.54 17.29
CA ALA A 11 17.87 3.48 16.43
C ALA A 11 16.71 2.72 15.80
N ALA A 12 15.62 2.56 16.55
CA ALA A 12 14.42 1.95 15.98
C ALA A 12 13.89 2.77 14.82
N ALA A 13 13.87 4.10 14.97
CA ALA A 13 13.43 4.98 13.90
C ALA A 13 14.35 4.87 12.68
N GLU A 14 15.67 4.78 12.92
CA GLU A 14 16.59 4.63 11.81
C GLU A 14 16.35 3.32 11.05
N ARG A 15 16.11 2.23 11.79
CA ARG A 15 15.80 0.95 11.16
C ARG A 15 14.52 1.06 10.33
N SER A 16 13.51 1.73 10.87
CA SER A 16 12.27 1.92 10.14
C SER A 16 12.50 2.71 8.85
N LYS A 17 13.33 3.76 8.93
CA LYS A 17 13.60 4.57 7.74
C LYS A 17 14.32 3.76 6.68
N GLU A 18 15.28 2.92 7.09
CA GLU A 18 15.96 2.06 6.12
C GLU A 18 14.99 1.12 5.43
N ILE A 19 14.06 0.52 6.20
CA ILE A 19 13.06 -0.37 5.60
C ILE A 19 12.17 0.41 4.63
N ASP A 20 11.79 1.63 5.01
CA ASP A 20 10.93 2.43 4.15
C ASP A 20 11.62 2.76 2.84
N LYS A 21 12.90 3.10 2.88
CA LYS A 21 13.62 3.39 1.64
C LYS A 21 13.77 2.13 0.79
N CYS A 22 13.96 0.98 1.44
CA CYS A 22 14.05 -0.27 0.68
C CYS A 22 12.75 -0.58 -0.04
N LEU A 23 11.61 -0.30 0.60
CA LEU A 23 10.33 -0.50 -0.06
C LEU A 23 10.11 0.51 -1.18
N SER A 24 10.48 1.77 -0.95
CA SER A 24 10.32 2.80 -1.98
C SER A 24 11.16 2.50 -3.20
N ARG A 25 12.29 1.81 -3.02
CA ARG A 25 13.07 1.40 -4.18
C ARG A 25 12.30 0.42 -5.06
N GLU A 26 11.62 -0.55 -4.44
CA GLU A 26 10.88 -1.54 -5.22
C GLU A 26 9.59 -0.96 -5.79
N LYS A 27 9.10 0.14 -5.21
CA LYS A 27 7.85 0.72 -5.71
C LYS A 27 7.95 1.10 -7.18
N THR A 28 9.07 1.70 -7.59
CA THR A 28 9.19 2.16 -8.97
C THR A 28 9.17 0.98 -9.94
N TYR A 29 9.86 -0.11 -9.60
CA TYR A 29 9.86 -1.29 -10.46
C TYR A 29 8.49 -1.95 -10.48
N VAL A 30 7.76 -1.87 -9.37
CA VAL A 30 6.40 -2.42 -9.35
C VAL A 30 5.49 -1.63 -10.27
N LYS A 31 5.62 -0.30 -10.27
CA LYS A 31 4.71 0.54 -11.02
C LYS A 31 4.75 0.25 -12.53
N ARG A 32 5.95 0.07 -13.07
CA ARG A 32 6.11 -0.16 -14.51
C ARG A 32 6.18 -1.66 -14.79
N LEU A 33 5.05 -2.32 -14.57
CA LEU A 33 4.96 -3.77 -14.77
C LEU A 33 3.68 -4.10 -15.53
N VAL A 34 3.80 -5.03 -16.47
CA VAL A 34 2.67 -5.47 -17.29
C VAL A 34 2.48 -6.96 -17.04
N LYS A 35 1.26 -7.35 -16.67
CA LYS A 35 0.95 -8.73 -16.34
C LYS A 35 0.07 -9.36 -17.41
N ILE A 36 0.31 -10.64 -17.69
CA ILE A 36 -0.45 -11.40 -18.67
C ILE A 36 -0.84 -12.73 -18.05
N LEU A 37 -2.09 -13.14 -18.31
CA LEU A 37 -2.62 -14.40 -17.80
C LEU A 37 -2.82 -15.33 -18.98
N LEU A 38 -2.26 -16.53 -18.89
CA LEU A 38 -2.32 -17.50 -19.98
C LEU A 38 -3.31 -18.61 -19.58
N LEU A 39 -4.35 -18.79 -20.38
CA LEU A 39 -5.32 -19.85 -20.18
C LEU A 39 -5.44 -20.62 -21.49
N GLY A 40 -5.23 -21.94 -21.44
CA GLY A 40 -5.28 -22.75 -22.63
C GLY A 40 -5.64 -24.19 -22.31
N ALA A 41 -5.89 -24.96 -23.37
CA ALA A 41 -6.27 -26.35 -23.25
C ALA A 41 -5.03 -27.23 -23.34
N ASP A 42 -5.24 -28.56 -23.35
CA ASP A 42 -4.12 -29.49 -23.42
C ASP A 42 -3.49 -29.47 -24.81
N ASN A 43 -4.32 -29.44 -25.86
CA ASN A 43 -3.85 -29.46 -27.24
C ASN A 43 -3.58 -28.07 -27.80
N SER A 44 -3.73 -27.02 -26.98
CA SER A 44 -3.58 -25.67 -27.48
C SER A 44 -2.13 -25.37 -27.88
N GLY A 45 -1.18 -26.19 -27.42
CA GLY A 45 0.21 -25.92 -27.70
C GLY A 45 0.84 -24.91 -26.78
N LYS A 46 0.27 -24.70 -25.60
CA LYS A 46 0.83 -23.73 -24.66
C LYS A 46 2.24 -24.12 -24.24
N SER A 47 2.50 -25.42 -24.14
CA SER A 47 3.84 -25.88 -23.79
C SER A 47 4.85 -25.48 -24.85
N THR A 48 4.51 -25.70 -26.12
CA THR A 48 5.40 -25.33 -27.21
C THR A 48 5.59 -23.81 -27.27
N PHE A 49 4.52 -23.06 -27.06
CA PHE A 49 4.61 -21.60 -27.08
C PHE A 49 5.54 -21.10 -25.97
N LEU A 50 5.40 -21.67 -24.77
CA LEU A 50 6.27 -21.27 -23.67
C LEU A 50 7.72 -21.69 -23.93
N LYS A 51 7.92 -22.84 -24.58
CA LYS A 51 9.27 -23.26 -24.93
C LYS A 51 9.92 -22.27 -25.88
N GLN A 52 9.23 -21.93 -26.98
CA GLN A 52 9.77 -20.96 -27.91
C GLN A 52 9.85 -19.56 -27.32
N MET A 53 9.14 -19.31 -26.22
CA MET A 53 9.20 -17.98 -25.60
C MET A 53 10.58 -17.68 -25.05
N ARG A 54 11.23 -18.67 -24.42
CA ARG A 54 12.48 -18.41 -23.72
C ARG A 54 13.73 -18.68 -24.57
N ILE A 55 13.57 -19.23 -25.77
CA ILE A 55 14.75 -19.52 -26.60
C ILE A 55 15.35 -18.24 -27.14
N ILE A 56 14.57 -17.16 -27.20
CA ILE A 56 15.07 -15.88 -27.71
C ILE A 56 14.94 -14.80 -26.63
N GLY A 68 1.69 -26.35 -9.62
CA GLY A 68 0.70 -25.38 -9.21
C GLY A 68 0.65 -24.17 -10.12
N ILE A 69 0.86 -22.98 -9.54
CA ILE A 69 0.87 -21.74 -10.31
C ILE A 69 2.33 -21.44 -10.61
N HIS A 70 2.71 -21.60 -11.88
CA HIS A 70 4.06 -21.29 -12.31
C HIS A 70 4.13 -19.88 -12.88
N GLU A 71 5.31 -19.26 -12.73
CA GLU A 71 5.53 -17.89 -13.16
C GLU A 71 6.79 -17.81 -14.02
N TYR A 72 6.68 -17.09 -15.13
CA TYR A 72 7.81 -16.90 -16.04
C TYR A 72 7.92 -15.41 -16.36
N ASP A 73 9.13 -14.87 -16.23
CA ASP A 73 9.38 -13.45 -16.48
C ASP A 73 10.29 -13.29 -17.70
N PHE A 74 10.01 -12.24 -18.47
CA PHE A 74 10.80 -11.96 -19.66
C PHE A 74 10.72 -10.47 -19.95
N GLU A 75 11.67 -10.01 -20.77
CA GLU A 75 11.80 -8.59 -21.11
C GLU A 75 11.76 -8.42 -22.61
N ILE A 76 10.95 -7.47 -23.08
CA ILE A 76 10.87 -7.12 -24.50
C ILE A 76 10.92 -5.60 -24.59
N LYS A 77 11.87 -5.09 -25.39
CA LYS A 77 12.05 -3.66 -25.62
C LYS A 77 12.11 -2.89 -24.30
N ASN A 78 12.91 -3.41 -23.37
CA ASN A 78 13.14 -2.79 -22.06
C ASN A 78 11.82 -2.53 -21.33
N VAL A 79 10.93 -3.52 -21.35
CA VAL A 79 9.66 -3.44 -20.63
C VAL A 79 9.49 -4.68 -19.77
N PRO A 80 9.13 -4.54 -18.50
CA PRO A 80 8.94 -5.72 -17.64
C PRO A 80 7.60 -6.41 -17.92
N PHE A 81 7.67 -7.71 -18.22
CA PHE A 81 6.48 -8.51 -18.47
C PHE A 81 6.44 -9.66 -17.48
N LYS A 82 5.25 -10.22 -17.29
CA LYS A 82 5.04 -11.32 -16.35
C LYS A 82 3.91 -12.20 -16.85
N MET A 83 4.20 -13.48 -17.06
CA MET A 83 3.22 -14.46 -17.50
C MET A 83 2.93 -15.43 -16.36
N VAL A 84 1.65 -15.68 -16.11
CA VAL A 84 1.19 -16.59 -15.08
C VAL A 84 0.48 -17.74 -15.77
N ASP A 85 0.89 -18.97 -15.45
CA ASP A 85 0.30 -20.17 -16.03
C ASP A 85 -0.58 -20.84 -14.99
N VAL A 86 -1.82 -21.11 -15.36
CA VAL A 86 -2.80 -21.72 -14.46
C VAL A 86 -3.27 -23.01 -15.11
N GLY A 87 -2.95 -24.14 -14.49
CA GLY A 87 -3.36 -25.44 -14.99
C GLY A 87 -4.09 -26.25 -13.94
N GLY A 88 -5.31 -26.68 -14.28
CA GLY A 88 -6.14 -27.41 -13.34
C GLY A 88 -6.90 -26.55 -12.36
N GLN A 89 -6.74 -25.23 -12.40
CA GLN A 89 -7.48 -24.32 -11.54
C GLN A 89 -8.48 -23.48 -12.32
N ARG A 90 -8.68 -23.76 -13.61
CA ARG A 90 -9.67 -23.03 -14.39
C ARG A 90 -11.09 -23.46 -14.02
N SER A 91 -11.24 -24.64 -13.42
CA SER A 91 -12.57 -25.10 -13.00
C SER A 91 -13.11 -24.30 -11.83
N GLU A 92 -12.26 -23.52 -11.15
CA GLU A 92 -12.73 -22.72 -10.03
C GLU A 92 -13.74 -21.69 -10.49
N ARG A 93 -14.85 -21.59 -9.75
CA ARG A 93 -15.96 -20.73 -10.13
C ARG A 93 -16.45 -19.87 -8.97
N LYS A 94 -15.64 -19.73 -7.92
CA LYS A 94 -16.01 -18.91 -6.78
C LYS A 94 -15.28 -17.57 -6.82
N ARG A 95 -15.76 -16.62 -6.02
CA ARG A 95 -15.22 -15.27 -6.00
C ARG A 95 -13.79 -15.21 -5.48
N TRP A 96 -13.36 -16.21 -4.70
CA TRP A 96 -12.02 -16.16 -4.12
C TRP A 96 -10.94 -16.14 -5.20
N PHE A 97 -11.11 -16.95 -6.24
CA PHE A 97 -10.11 -17.11 -7.27
C PHE A 97 -9.91 -15.83 -8.07
N GLU A 98 -10.85 -14.90 -8.00
CA GLU A 98 -10.76 -13.63 -8.73
C GLU A 98 -9.94 -12.62 -7.93
N CYS A 99 -8.71 -13.03 -7.61
CA CYS A 99 -7.69 -12.13 -7.10
C CYS A 99 -6.75 -11.62 -8.17
N PHE A 100 -6.75 -12.24 -9.35
CA PHE A 100 -6.01 -11.73 -10.50
C PHE A 100 -6.82 -10.65 -11.20
N ASP A 101 -7.27 -9.65 -10.44
CA ASP A 101 -8.09 -8.58 -10.96
C ASP A 101 -7.27 -7.34 -11.34
N SER A 102 -5.94 -7.47 -11.38
CA SER A 102 -5.06 -6.39 -11.76
C SER A 102 -4.33 -6.64 -13.07
N VAL A 103 -4.54 -7.79 -13.71
CA VAL A 103 -3.90 -8.05 -15.00
C VAL A 103 -4.53 -7.18 -16.07
N THR A 104 -3.73 -6.83 -17.08
CA THR A 104 -4.20 -5.96 -18.15
C THR A 104 -4.59 -6.70 -19.42
N SER A 105 -4.19 -7.97 -19.58
CA SER A 105 -4.53 -8.72 -20.77
C SER A 105 -4.60 -10.21 -20.43
N ILE A 106 -5.48 -10.92 -21.13
CA ILE A 106 -5.63 -12.37 -20.98
C ILE A 106 -5.40 -13.01 -22.34
N LEU A 107 -4.44 -13.93 -22.42
CA LEU A 107 -4.22 -14.68 -23.63
C LEU A 107 -5.06 -15.96 -23.60
N PHE A 108 -5.45 -16.43 -24.78
CA PHE A 108 -6.23 -17.65 -24.92
C PHE A 108 -5.69 -18.41 -26.13
N LEU A 109 -4.71 -19.28 -25.89
CA LEU A 109 -4.25 -20.17 -26.94
C LEU A 109 -5.31 -21.23 -27.21
N VAL A 110 -5.68 -21.37 -28.47
CA VAL A 110 -6.74 -22.30 -28.86
C VAL A 110 -6.31 -23.08 -30.09
N ASP A 111 -6.67 -24.36 -30.10
CA ASP A 111 -6.47 -25.19 -31.27
C ASP A 111 -7.47 -24.82 -32.35
N SER A 112 -7.07 -25.00 -33.60
CA SER A 112 -7.94 -24.73 -34.74
C SER A 112 -8.00 -25.91 -35.71
N SER A 113 -7.49 -27.08 -35.29
CA SER A 113 -7.46 -28.25 -36.15
C SER A 113 -8.73 -29.08 -36.02
N ASP A 114 -9.03 -29.55 -34.81
CA ASP A 114 -10.13 -30.51 -34.65
C ASP A 114 -11.44 -29.81 -34.31
N PHE A 115 -12.44 -30.02 -35.16
CA PHE A 115 -13.69 -29.28 -35.06
C PHE A 115 -14.57 -29.82 -33.94
N ASN A 116 -14.27 -31.00 -33.39
CA ASN A 116 -14.91 -31.42 -32.14
C ASN A 116 -14.38 -30.63 -30.96
N ARG A 117 -13.05 -30.45 -30.89
CA ARG A 117 -12.47 -29.70 -29.79
C ARG A 117 -12.80 -28.21 -29.89
N LEU A 118 -13.06 -27.72 -31.11
CA LEU A 118 -13.45 -26.32 -31.24
C LEU A 118 -14.68 -26.00 -30.41
N THR A 119 -15.63 -26.93 -30.35
CA THR A 119 -16.86 -26.67 -29.59
C THR A 119 -16.56 -26.45 -28.12
N GLU A 120 -15.85 -27.39 -27.49
CA GLU A 120 -15.53 -27.29 -26.07
C GLU A 120 -14.70 -26.05 -25.80
N SER A 121 -13.79 -25.71 -26.70
CA SER A 121 -13.05 -24.46 -26.57
C SER A 121 -14.00 -23.27 -26.57
N LEU A 122 -15.06 -23.34 -27.38
CA LEU A 122 -16.03 -22.25 -27.41
C LEU A 122 -16.76 -22.12 -26.07
N ASN A 123 -17.17 -23.24 -25.48
CA ASN A 123 -17.81 -23.13 -24.17
C ASN A 123 -16.85 -22.58 -23.11
N ASP A 124 -15.59 -23.00 -23.14
CA ASP A 124 -14.64 -22.47 -22.17
C ASP A 124 -14.42 -20.97 -22.34
N PHE A 125 -14.30 -20.53 -23.60
CA PHE A 125 -14.22 -19.10 -23.89
C PHE A 125 -15.41 -18.37 -23.32
N GLU A 126 -16.63 -18.87 -23.58
CA GLU A 126 -17.82 -18.28 -23.00
C GLU A 126 -17.75 -18.25 -21.48
N THR A 127 -17.18 -19.29 -20.87
CA THR A 127 -17.11 -19.36 -19.43
C THR A 127 -16.25 -18.23 -18.86
N ILE A 128 -15.11 -17.95 -19.48
CA ILE A 128 -14.20 -17.01 -18.83
C ILE A 128 -14.42 -15.58 -19.31
N VAL A 129 -14.86 -15.35 -20.55
CA VAL A 129 -14.83 -13.97 -21.06
C VAL A 129 -16.00 -13.16 -20.52
N ASN A 130 -17.10 -13.79 -20.15
CA ASN A 130 -18.29 -13.08 -19.70
C ASN A 130 -18.28 -12.83 -18.19
N ASN A 131 -17.23 -13.24 -17.49
CA ASN A 131 -17.17 -13.04 -16.05
C ASN A 131 -17.04 -11.56 -15.73
N ARG A 132 -17.72 -11.11 -14.67
CA ARG A 132 -17.90 -9.69 -14.45
C ARG A 132 -16.62 -9.04 -13.93
N VAL A 133 -15.78 -9.77 -13.20
CA VAL A 133 -14.58 -9.18 -12.65
C VAL A 133 -13.60 -8.82 -13.76
N PHE A 134 -13.53 -9.66 -14.80
CA PHE A 134 -12.62 -9.43 -15.92
C PHE A 134 -13.29 -8.55 -16.97
N SER A 135 -13.75 -7.38 -16.53
CA SER A 135 -14.34 -6.38 -17.40
C SER A 135 -13.35 -5.29 -17.78
N ASN A 136 -12.10 -5.41 -17.37
CA ASN A 136 -11.04 -4.45 -17.67
C ASN A 136 -9.81 -5.17 -18.20
N VAL A 137 -10.01 -6.20 -19.01
CA VAL A 137 -8.91 -6.97 -19.58
C VAL A 137 -9.10 -7.04 -21.09
N SER A 138 -8.02 -6.75 -21.82
CA SER A 138 -8.04 -6.83 -23.28
C SER A 138 -7.79 -8.28 -23.69
N ILE A 139 -8.83 -8.94 -24.19
CA ILE A 139 -8.73 -10.35 -24.51
C ILE A 139 -8.06 -10.52 -25.86
N ILE A 140 -7.00 -11.33 -25.90
CA ILE A 140 -6.26 -11.63 -27.11
C ILE A 140 -6.39 -13.12 -27.37
N LEU A 141 -6.63 -13.48 -28.63
CA LEU A 141 -6.89 -14.87 -29.01
C LEU A 141 -5.90 -15.25 -30.11
N PHE A 142 -4.97 -16.15 -29.79
CA PHE A 142 -3.98 -16.63 -30.74
C PHE A 142 -4.46 -17.97 -31.29
N LEU A 143 -4.70 -18.03 -32.59
CA LEU A 143 -5.09 -19.28 -33.23
C LEU A 143 -3.84 -20.07 -33.57
N ASN A 144 -3.57 -21.13 -32.80
CA ASN A 144 -2.39 -21.95 -33.01
C ASN A 144 -2.61 -22.92 -34.16
N LYS A 145 -1.72 -23.90 -34.29
CA LYS A 145 -1.74 -24.84 -35.41
C LYS A 145 -1.59 -24.09 -36.72
N THR A 146 -2.72 -23.76 -37.37
CA THR A 146 -2.82 -23.01 -38.62
C THR A 146 -1.74 -23.42 -39.62
N ASP A 147 -1.36 -24.69 -39.59
CA ASP A 147 -0.53 -25.28 -40.61
C ASP A 147 -1.22 -26.55 -41.11
N LEU A 148 -1.90 -27.24 -40.20
CA LEU A 148 -2.76 -28.34 -40.60
C LEU A 148 -4.00 -27.82 -41.31
N LEU A 149 -4.64 -26.79 -40.75
CA LEU A 149 -5.92 -26.32 -41.30
C LEU A 149 -5.77 -25.92 -42.76
N GLU A 150 -4.57 -25.50 -43.16
CA GLU A 150 -4.31 -25.25 -44.57
C GLU A 150 -4.28 -26.55 -45.37
N GLU A 151 -4.03 -27.68 -44.71
CA GLU A 151 -3.91 -28.97 -45.37
C GLU A 151 -5.18 -29.82 -45.27
N LYS A 152 -6.12 -29.43 -44.40
CA LYS A 152 -7.41 -30.13 -44.30
C LYS A 152 -8.56 -29.38 -44.94
N VAL A 153 -8.40 -28.12 -45.33
CA VAL A 153 -9.49 -27.40 -45.97
C VAL A 153 -9.86 -28.06 -47.30
N GLN A 154 -8.86 -28.40 -48.11
CA GLN A 154 -9.09 -29.09 -49.36
C GLN A 154 -9.40 -30.57 -49.17
N ILE A 155 -9.28 -31.09 -47.95
CA ILE A 155 -9.52 -32.51 -47.68
C ILE A 155 -10.77 -32.66 -46.82
N VAL A 156 -10.73 -32.09 -45.62
CA VAL A 156 -11.85 -32.23 -44.70
C VAL A 156 -12.82 -31.07 -44.87
N SER A 157 -14.12 -31.39 -44.82
CA SER A 157 -15.18 -30.40 -44.94
C SER A 157 -15.69 -30.04 -43.56
N ILE A 158 -15.61 -28.75 -43.21
CA ILE A 158 -16.02 -28.31 -41.89
C ILE A 158 -17.54 -28.15 -41.79
N LYS A 159 -18.26 -28.34 -42.90
CA LYS A 159 -19.71 -28.29 -42.90
C LYS A 159 -20.34 -29.44 -42.11
N ASP A 160 -19.61 -30.54 -41.93
CA ASP A 160 -20.13 -31.71 -41.24
C ASP A 160 -20.27 -31.50 -39.72
N TYR A 161 -19.85 -30.35 -39.20
CA TYR A 161 -19.84 -30.14 -37.76
C TYR A 161 -20.73 -28.96 -37.38
N PHE A 162 -20.78 -27.94 -38.24
CA PHE A 162 -21.61 -26.77 -38.03
C PHE A 162 -22.49 -26.56 -39.25
N LEU A 163 -23.62 -25.87 -39.05
CA LEU A 163 -24.64 -25.75 -40.08
C LEU A 163 -25.00 -24.29 -40.33
N GLU A 164 -23.99 -23.42 -40.43
CA GLU A 164 -24.23 -22.04 -40.81
C GLU A 164 -23.25 -21.56 -41.86
N PHE A 165 -22.15 -22.30 -42.09
CA PHE A 165 -21.09 -21.90 -43.00
C PHE A 165 -21.62 -21.85 -44.42
N GLU A 166 -21.80 -20.64 -44.95
CA GLU A 166 -22.26 -20.50 -46.33
C GLU A 166 -21.15 -20.82 -47.32
N GLY A 167 -19.92 -20.38 -47.03
CA GLY A 167 -18.82 -20.60 -47.95
C GLY A 167 -18.41 -22.07 -48.01
N ASP A 168 -17.84 -22.44 -49.14
CA ASP A 168 -17.38 -23.81 -49.33
C ASP A 168 -16.22 -24.10 -48.38
N PRO A 169 -16.30 -25.18 -47.60
CA PRO A 169 -15.23 -25.46 -46.61
C PRO A 169 -13.85 -25.58 -47.22
N HIS A 170 -13.74 -25.75 -48.53
CA HIS A 170 -12.41 -25.80 -49.16
C HIS A 170 -11.82 -24.40 -49.33
N CYS A 171 -12.56 -23.35 -49.00
CA CYS A 171 -12.05 -21.98 -49.11
C CYS A 171 -11.38 -21.61 -47.79
N LEU A 172 -10.06 -21.44 -47.82
CA LEU A 172 -9.29 -21.13 -46.63
C LEU A 172 -9.75 -19.83 -45.99
N ARG A 173 -9.88 -18.77 -46.80
CA ARG A 173 -10.28 -17.48 -46.27
C ARG A 173 -11.68 -17.53 -45.67
N ASP A 174 -12.60 -18.24 -46.34
CA ASP A 174 -13.95 -18.34 -45.82
C ASP A 174 -13.98 -19.10 -44.50
N VAL A 175 -13.17 -20.16 -44.37
CA VAL A 175 -13.09 -20.88 -43.10
C VAL A 175 -12.55 -19.97 -42.01
N GLN A 176 -11.53 -19.18 -42.34
CA GLN A 176 -10.95 -18.28 -41.35
C GLN A 176 -11.97 -17.25 -40.89
N LYS A 177 -12.72 -16.67 -41.82
CA LYS A 177 -13.77 -15.73 -41.44
C LYS A 177 -14.83 -16.41 -40.59
N PHE A 178 -15.19 -17.66 -40.95
CA PHE A 178 -16.14 -18.42 -40.16
C PHE A 178 -15.69 -18.52 -38.71
N LEU A 179 -14.44 -18.95 -38.49
CA LEU A 179 -13.96 -19.14 -37.13
C LEU A 179 -13.87 -17.81 -36.38
N VAL A 180 -13.41 -16.76 -37.06
CA VAL A 180 -13.28 -15.46 -36.41
C VAL A 180 -14.65 -14.94 -35.97
N GLU A 181 -15.65 -15.05 -36.86
CA GLU A 181 -16.99 -14.59 -36.49
C GLU A 181 -17.57 -15.43 -35.36
N CYS A 182 -17.35 -16.74 -35.39
CA CYS A 182 -17.87 -17.60 -34.32
C CYS A 182 -17.28 -17.21 -32.97
N PHE A 183 -15.98 -16.93 -32.94
CA PHE A 183 -15.37 -16.54 -31.67
C PHE A 183 -15.83 -15.14 -31.24
N ARG A 184 -15.93 -14.21 -32.19
CA ARG A 184 -16.27 -12.83 -31.82
C ARG A 184 -17.70 -12.74 -31.30
N ASN A 185 -18.63 -13.46 -31.93
CA ASN A 185 -20.03 -13.36 -31.53
C ASN A 185 -20.27 -13.99 -30.17
N LYS A 186 -19.31 -14.76 -29.66
CA LYS A 186 -19.52 -15.47 -28.39
C LYS A 186 -19.61 -14.49 -27.23
N ARG A 187 -18.82 -13.41 -27.27
CA ARG A 187 -18.84 -12.43 -26.20
C ARG A 187 -20.18 -11.71 -26.15
N ARG A 188 -20.76 -11.61 -24.95
CA ARG A 188 -22.01 -10.89 -24.75
C ARG A 188 -21.73 -9.45 -24.37
N ASP A 189 -22.77 -8.72 -24.00
CA ASP A 189 -22.66 -7.34 -23.52
C ASP A 189 -21.93 -6.46 -24.54
N GLN A 190 -22.29 -6.65 -25.82
CA GLN A 190 -21.66 -5.93 -26.93
C GLN A 190 -20.15 -6.05 -26.86
N GLN A 191 -19.45 -4.91 -26.81
CA GLN A 191 -18.00 -4.91 -26.71
C GLN A 191 -17.55 -3.61 -26.06
N GLN A 192 -16.93 -3.73 -24.88
CA GLN A 192 -16.35 -2.58 -24.20
C GLN A 192 -14.85 -2.55 -24.45
N LYS A 193 -14.17 -3.63 -24.10
CA LYS A 193 -12.76 -3.76 -24.42
C LYS A 193 -12.59 -4.53 -25.72
N PRO A 194 -11.52 -4.28 -26.46
CA PRO A 194 -11.35 -4.90 -27.77
C PRO A 194 -10.97 -6.37 -27.65
N LEU A 195 -11.01 -7.06 -28.80
CA LEU A 195 -10.65 -8.47 -28.91
C LEU A 195 -9.81 -8.63 -30.17
N TYR A 196 -8.49 -8.69 -29.99
CA TYR A 196 -7.58 -8.91 -31.10
C TYR A 196 -7.52 -10.39 -31.45
N HIS A 197 -7.00 -10.69 -32.65
CA HIS A 197 -6.82 -12.05 -33.09
C HIS A 197 -5.74 -12.10 -34.16
N HIS A 198 -5.01 -13.21 -34.21
CA HIS A 198 -3.99 -13.41 -35.23
C HIS A 198 -3.91 -14.90 -35.58
N PHE A 199 -3.37 -15.18 -36.76
CA PHE A 199 -3.18 -16.54 -37.25
C PHE A 199 -1.69 -16.84 -37.27
N THR A 200 -1.16 -17.34 -36.16
CA THR A 200 0.27 -17.57 -36.02
C THR A 200 0.52 -19.01 -35.59
N THR A 201 1.66 -19.54 -36.04
CA THR A 201 2.13 -20.85 -35.60
C THR A 201 3.06 -20.70 -34.41
N ALA A 202 3.77 -21.77 -34.04
CA ALA A 202 4.71 -21.73 -32.94
C ALA A 202 6.14 -21.42 -33.38
N ILE A 203 6.50 -21.68 -34.64
CA ILE A 203 7.87 -21.43 -35.08
C ILE A 203 8.11 -19.94 -35.30
N ASN A 204 7.05 -19.16 -35.46
CA ASN A 204 7.19 -17.73 -35.70
C ASN A 204 7.79 -17.05 -34.47
N THR A 205 8.52 -15.96 -34.70
CA THR A 205 9.19 -15.25 -33.62
C THR A 205 8.59 -13.89 -33.32
N GLU A 206 7.68 -13.39 -34.17
CA GLU A 206 7.13 -12.06 -33.99
C GLU A 206 5.95 -12.01 -33.04
N ASN A 207 5.57 -13.16 -32.45
CA ASN A 207 4.43 -13.19 -31.54
C ASN A 207 4.63 -12.28 -30.34
N ALA A 208 5.87 -12.22 -29.83
CA ALA A 208 6.15 -11.32 -28.72
C ALA A 208 5.89 -9.87 -29.12
N ARG A 209 6.33 -9.49 -30.31
CA ARG A 209 6.07 -8.14 -30.80
C ARG A 209 4.57 -7.90 -30.97
N LEU A 210 3.82 -8.92 -31.40
CA LEU A 210 2.38 -8.76 -31.54
C LEU A 210 1.72 -8.52 -30.19
N ILE A 211 2.12 -9.28 -29.16
CA ILE A 211 1.56 -9.07 -27.82
C ILE A 211 1.91 -7.68 -27.32
N PHE A 212 3.16 -7.25 -27.54
CA PHE A 212 3.57 -5.93 -27.09
C PHE A 212 2.77 -4.84 -27.77
N ARG A 213 2.52 -5.00 -29.08
CA ARG A 213 1.75 -4.01 -29.82
C ARG A 213 0.31 -3.95 -29.32
N ASP A 214 -0.29 -5.10 -29.05
CA ASP A 214 -1.66 -5.12 -28.54
C ASP A 214 -1.75 -4.44 -27.18
N VAL A 215 -0.79 -4.74 -26.29
CA VAL A 215 -0.80 -4.09 -24.98
C VAL A 215 -0.56 -2.59 -25.12
N LYS A 216 0.28 -2.19 -26.08
CA LYS A 216 0.50 -0.77 -26.33
C LYS A 216 -0.78 -0.08 -26.73
N ASP A 217 -1.55 -0.70 -27.63
CA ASP A 217 -2.83 -0.11 -28.02
C ASP A 217 -3.80 -0.03 -26.84
N THR A 218 -3.82 -1.06 -26.00
CA THR A 218 -4.71 -1.04 -24.84
C THR A 218 -4.37 0.11 -23.91
N ILE A 219 -3.07 0.28 -23.61
CA ILE A 219 -2.66 1.36 -22.72
C ILE A 219 -2.92 2.72 -23.37
N LEU A 220 -2.76 2.81 -24.69
CA LEU A 220 -3.06 4.05 -25.39
C LEU A 220 -4.52 4.44 -25.24
N HIS A 221 -5.42 3.47 -25.39
CA HIS A 221 -6.84 3.73 -25.21
C HIS A 221 -7.14 4.16 -23.78
N ASP A 222 -6.54 3.47 -22.80
CA ASP A 222 -6.77 3.82 -21.41
C ASP A 222 -6.29 5.24 -21.12
N ASN A 223 -5.12 5.61 -21.66
CA ASN A 223 -4.60 6.96 -21.46
C ASN A 223 -5.49 8.00 -22.11
N LEU A 224 -5.99 7.74 -23.31
CA LEU A 224 -6.91 8.67 -23.96
C LEU A 224 -8.12 8.90 -23.07
N LYS A 225 -8.76 7.82 -22.61
CA LYS A 225 -9.94 7.97 -21.78
C LYS A 225 -9.64 8.72 -20.48
N GLN A 226 -8.50 8.41 -19.85
CA GLN A 226 -8.17 9.02 -18.58
C GLN A 226 -7.89 10.51 -18.73
N LEU A 227 -7.17 10.90 -19.78
CA LEU A 227 -6.67 12.27 -19.88
C LEU A 227 -7.59 13.17 -20.70
N MET A 228 -7.86 12.82 -21.96
CA MET A 228 -8.38 13.82 -22.88
C MET A 228 -9.90 13.85 -22.97
N LEU A 229 -10.51 12.75 -23.43
CA LEU A 229 -11.95 12.75 -23.64
C LEU A 229 -12.70 12.72 -22.31
N GLN A 230 -12.28 11.86 -21.39
CA GLN A 230 -12.86 11.75 -20.06
C GLN A 230 -14.37 11.51 -20.11
N GLU B 9 -32.23 -50.83 2.08
CA GLU B 9 -31.76 -50.45 0.75
C GLU B 9 -31.51 -48.95 0.67
N LEU B 10 -31.09 -48.49 -0.51
CA LEU B 10 -30.79 -47.07 -0.68
C LEU B 10 -32.03 -46.21 -0.48
N ASP B 11 -33.18 -46.66 -0.99
CA ASP B 11 -34.43 -45.95 -0.73
C ASP B 11 -34.75 -45.93 0.75
N GLN B 12 -34.53 -47.06 1.43
CA GLN B 12 -34.69 -47.10 2.88
C GLN B 12 -33.71 -46.16 3.56
N LEU B 13 -32.50 -46.03 3.02
CA LEU B 13 -31.55 -45.08 3.56
C LEU B 13 -32.07 -43.65 3.43
N ARG B 14 -32.67 -43.32 2.28
CA ARG B 14 -33.26 -42.00 2.12
C ARG B 14 -34.39 -41.77 3.12
N GLN B 15 -35.22 -42.78 3.31
CA GLN B 15 -36.32 -42.67 4.27
C GLN B 15 -35.79 -42.43 5.68
N GLU B 16 -34.76 -43.18 6.08
CA GLU B 16 -34.18 -43.00 7.40
C GLU B 16 -33.56 -41.62 7.55
N ALA B 17 -32.89 -41.13 6.50
CA ALA B 17 -32.31 -39.80 6.55
C ALA B 17 -33.40 -38.74 6.73
N GLU B 18 -34.50 -38.87 5.98
CA GLU B 18 -35.60 -37.93 6.13
C GLU B 18 -36.21 -38.01 7.53
N GLN B 19 -36.34 -39.21 8.07
CA GLN B 19 -36.87 -39.36 9.42
C GLN B 19 -35.97 -38.67 10.45
N LEU B 20 -34.65 -38.85 10.31
CA LEU B 20 -33.74 -38.19 11.23
C LEU B 20 -33.79 -36.68 11.08
N LYS B 21 -33.91 -36.18 9.85
CA LYS B 21 -34.08 -34.75 9.64
C LYS B 21 -35.34 -34.25 10.33
N ASN B 22 -36.44 -34.99 10.21
CA ASN B 22 -37.69 -34.60 10.84
C ASN B 22 -37.56 -34.60 12.35
N GLN B 23 -36.87 -35.60 12.92
CA GLN B 23 -36.67 -35.64 14.36
C GLN B 23 -35.89 -34.43 14.84
N ILE B 24 -34.79 -34.11 14.16
CA ILE B 24 -33.98 -32.96 14.55
C ILE B 24 -34.79 -31.68 14.46
N ARG B 25 -35.54 -31.52 13.36
CA ARG B 25 -36.33 -30.32 13.16
C ARG B 25 -37.41 -30.19 14.23
N ASP B 26 -38.09 -31.29 14.56
CA ASP B 26 -39.13 -31.25 15.58
C ASP B 26 -38.55 -30.90 16.94
N ALA B 27 -37.39 -31.48 17.28
CA ALA B 27 -36.76 -31.12 18.55
C ALA B 27 -36.41 -29.63 18.59
N ARG B 28 -35.86 -29.12 17.48
CA ARG B 28 -35.49 -27.70 17.44
C ARG B 28 -36.72 -26.81 17.56
N LYS B 29 -37.83 -27.20 16.94
CA LYS B 29 -39.07 -26.44 17.12
C LYS B 29 -39.56 -26.51 18.57
N ALA B 30 -39.40 -27.67 19.21
CA ALA B 30 -39.87 -27.81 20.58
C ALA B 30 -39.06 -26.95 21.54
N CYS B 31 -37.76 -26.79 21.28
CA CYS B 31 -36.92 -26.04 22.21
C CYS B 31 -37.23 -24.55 22.24
N ALA B 32 -37.99 -24.04 21.28
CA ALA B 32 -38.23 -22.60 21.20
C ALA B 32 -39.38 -22.19 22.10
N ASP B 33 -39.17 -21.12 22.88
CA ASP B 33 -40.22 -20.56 23.72
C ASP B 33 -40.57 -19.14 23.29
N ALA B 34 -39.56 -18.28 23.21
CA ALA B 34 -39.77 -16.88 22.84
C ALA B 34 -38.61 -16.38 21.99
N THR B 35 -38.53 -15.06 21.80
CA THR B 35 -37.49 -14.46 20.98
C THR B 35 -36.48 -13.73 21.85
N LEU B 36 -35.24 -13.65 21.36
CA LEU B 36 -34.21 -12.91 22.06
C LEU B 36 -34.57 -11.44 22.20
N SER B 37 -35.28 -10.89 21.21
CA SER B 37 -35.75 -9.51 21.32
C SER B 37 -36.75 -9.38 22.46
N GLN B 38 -37.65 -10.34 22.60
CA GLN B 38 -38.60 -10.31 23.72
C GLN B 38 -37.88 -10.43 25.06
N ILE B 39 -36.88 -11.31 25.14
CA ILE B 39 -36.14 -11.49 26.39
C ILE B 39 -35.39 -10.22 26.74
N THR B 40 -34.76 -9.59 25.75
CA THR B 40 -33.98 -8.38 25.96
C THR B 40 -34.65 -7.21 25.24
N ASN B 41 -35.60 -6.59 25.92
CA ASN B 41 -36.28 -5.40 25.41
C ASN B 41 -36.30 -4.25 26.42
N ASN B 42 -36.29 -4.57 27.71
CA ASN B 42 -36.22 -3.55 28.75
C ASN B 42 -34.79 -3.10 29.04
N ILE B 43 -33.80 -3.74 28.41
CA ILE B 43 -32.41 -3.36 28.63
C ILE B 43 -32.16 -1.98 28.07
N ASP B 44 -31.37 -1.19 28.78
CA ASP B 44 -31.06 0.16 28.34
C ASP B 44 -30.25 0.14 27.05
N PRO B 45 -30.45 1.14 26.18
CA PRO B 45 -29.64 1.22 24.96
C PRO B 45 -28.18 1.46 25.28
N VAL B 46 -27.30 0.94 24.42
CA VAL B 46 -25.87 1.14 24.62
C VAL B 46 -25.50 2.60 24.42
N GLY B 47 -26.11 3.25 23.44
CA GLY B 47 -25.89 4.66 23.18
C GLY B 47 -25.05 4.89 21.93
N ARG B 48 -25.00 6.16 21.54
CA ARG B 48 -24.22 6.55 20.38
C ARG B 48 -22.73 6.34 20.65
N ILE B 49 -22.03 5.76 19.68
CA ILE B 49 -20.61 5.47 19.79
C ILE B 49 -19.91 6.12 18.61
N GLN B 50 -19.07 7.12 18.89
CA GLN B 50 -18.33 7.84 17.87
C GLN B 50 -16.84 7.59 18.08
N MET B 51 -16.16 7.14 17.04
CA MET B 51 -14.74 6.83 17.09
C MET B 51 -13.98 7.65 16.05
N ARG B 52 -12.66 7.62 16.14
CA ARG B 52 -11.82 8.47 15.31
C ARG B 52 -10.56 7.71 14.92
N THR B 53 -10.05 8.01 13.73
CA THR B 53 -8.78 7.44 13.27
C THR B 53 -7.64 8.04 14.08
N ARG B 54 -6.97 7.21 14.88
CA ARG B 54 -5.89 7.67 15.73
C ARG B 54 -4.52 7.53 15.10
N ARG B 55 -4.29 6.50 14.30
CA ARG B 55 -2.99 6.26 13.70
C ARG B 55 -3.17 5.58 12.35
N THR B 56 -2.40 6.03 11.36
CA THR B 56 -2.44 5.46 10.02
C THR B 56 -1.09 4.82 9.72
N LEU B 57 -1.13 3.54 9.33
CA LEU B 57 0.08 2.76 9.10
C LEU B 57 0.28 2.60 7.60
N ARG B 58 0.93 3.60 7.00
CA ARG B 58 1.22 3.57 5.57
C ARG B 58 2.55 2.87 5.31
N GLY B 59 2.73 2.44 4.06
CA GLY B 59 3.98 1.80 3.69
C GLY B 59 3.84 0.63 2.74
N HIS B 60 2.64 0.07 2.65
CA HIS B 60 2.42 -1.05 1.75
C HIS B 60 2.37 -0.57 0.29
N LEU B 61 2.51 -1.52 -0.63
CA LEU B 61 2.53 -1.23 -2.06
C LEU B 61 1.24 -1.65 -2.76
N ALA B 62 0.69 -2.80 -2.40
CA ALA B 62 -0.50 -3.33 -3.06
C ALA B 62 -1.61 -3.59 -2.06
N LYS B 63 -2.68 -4.26 -2.50
CA LYS B 63 -3.85 -4.47 -1.66
C LYS B 63 -3.53 -5.34 -0.45
N ILE B 64 -4.09 -4.97 0.69
CA ILE B 64 -3.97 -5.72 1.93
C ILE B 64 -5.18 -6.64 2.05
N TYR B 65 -4.94 -7.90 2.40
CA TYR B 65 -6.02 -8.87 2.48
C TYR B 65 -6.38 -9.28 3.91
N ALA B 66 -5.40 -9.42 4.80
CA ALA B 66 -5.70 -9.83 6.16
C ALA B 66 -4.58 -9.41 7.10
N MET B 67 -4.90 -9.40 8.39
CA MET B 67 -3.95 -9.08 9.45
C MET B 67 -4.38 -9.79 10.72
N HIS B 68 -3.43 -9.92 11.65
CA HIS B 68 -3.71 -10.56 12.95
C HIS B 68 -2.92 -9.85 14.02
N TRP B 69 -3.47 -9.83 15.24
CA TRP B 69 -2.85 -9.17 16.37
C TRP B 69 -1.98 -10.18 17.13
N GLY B 70 -1.53 -9.80 18.32
CA GLY B 70 -0.73 -10.66 19.16
C GLY B 70 -1.15 -10.58 20.60
N THR B 71 -0.55 -11.46 21.41
CA THR B 71 -0.89 -11.50 22.83
C THR B 71 -0.47 -10.24 23.56
N ASP B 72 0.70 -9.70 23.22
CA ASP B 72 1.19 -8.49 23.88
C ASP B 72 0.35 -7.26 23.59
N SER B 73 -0.54 -7.34 22.59
CA SER B 73 -1.43 -6.25 22.20
C SER B 73 -0.68 -5.03 21.70
N ARG B 74 0.57 -5.21 21.27
CA ARG B 74 1.38 -4.11 20.76
C ARG B 74 1.78 -4.36 19.32
N LEU B 75 2.11 -5.62 19.00
CA LEU B 75 2.63 -5.98 17.70
C LEU B 75 1.54 -6.63 16.85
N LEU B 76 1.47 -6.21 15.58
CA LEU B 76 0.54 -6.80 14.63
C LEU B 76 1.26 -7.10 13.32
N VAL B 77 0.77 -8.11 12.61
CA VAL B 77 1.39 -8.58 11.36
C VAL B 77 0.39 -8.42 10.23
N SER B 78 0.84 -7.83 9.13
CA SER B 78 0.00 -7.57 7.97
C SER B 78 0.65 -8.15 6.72
N ALA B 79 -0.20 -8.52 5.76
CA ALA B 79 0.27 -9.14 4.52
C ALA B 79 -0.52 -8.60 3.34
N SER B 80 0.15 -8.58 2.18
CA SER B 80 -0.44 -8.00 0.97
C SER B 80 -0.19 -8.94 -0.19
N GLN B 81 -0.72 -8.56 -1.36
CA GLN B 81 -0.60 -9.36 -2.57
C GLN B 81 0.63 -9.01 -3.39
N ASP B 82 1.52 -8.18 -2.82
CA ASP B 82 2.81 -7.89 -3.51
C ASP B 82 3.82 -8.95 -3.03
N GLY B 83 3.52 -9.63 -1.92
CA GLY B 83 4.39 -10.68 -1.42
C GLY B 83 5.34 -10.23 -0.33
N LYS B 84 4.82 -9.51 0.65
CA LYS B 84 5.61 -9.03 1.77
C LYS B 84 4.83 -9.19 3.06
N LEU B 85 5.54 -9.62 4.10
CA LEU B 85 4.98 -9.79 5.45
C LEU B 85 5.65 -8.75 6.34
N ILE B 86 4.91 -7.70 6.70
CA ILE B 86 5.45 -6.59 7.47
C ILE B 86 4.89 -6.65 8.88
N ILE B 87 5.77 -6.62 9.87
CA ILE B 87 5.38 -6.57 11.27
C ILE B 87 5.50 -5.14 11.76
N TRP B 88 4.42 -4.60 12.30
CA TRP B 88 4.35 -3.21 12.71
C TRP B 88 4.38 -3.09 14.23
N ASP B 89 4.67 -1.88 14.69
CA ASP B 89 4.56 -1.52 16.10
C ASP B 89 3.50 -0.44 16.20
N SER B 90 2.42 -0.73 16.93
CA SER B 90 1.25 0.15 16.91
C SER B 90 1.55 1.50 17.55
N TYR B 91 2.23 1.49 18.71
CA TYR B 91 2.36 2.72 19.48
C TYR B 91 3.24 3.75 18.78
N THR B 92 4.39 3.33 18.26
CA THR B 92 5.37 4.25 17.72
C THR B 92 5.41 4.28 16.20
N THR B 93 4.59 3.49 15.52
CA THR B 93 4.54 3.43 14.06
C THR B 93 5.92 3.13 13.47
N ASN B 94 6.63 2.23 14.11
CA ASN B 94 7.96 1.82 13.67
C ASN B 94 7.91 0.39 13.18
N LYS B 95 8.40 0.16 11.96
CA LYS B 95 8.45 -1.18 11.42
C LYS B 95 9.57 -1.98 12.08
N VAL B 96 9.29 -3.23 12.39
CA VAL B 96 10.25 -4.10 13.05
C VAL B 96 10.92 -5.06 12.07
N HIS B 97 10.13 -5.76 11.27
CA HIS B 97 10.66 -6.66 10.26
C HIS B 97 9.90 -6.45 8.95
N ALA B 98 10.53 -6.87 7.85
CA ALA B 98 9.90 -6.94 6.54
C ALA B 98 10.34 -8.24 5.88
N ILE B 99 9.56 -9.30 6.10
CA ILE B 99 9.91 -10.63 5.60
C ILE B 99 9.56 -10.73 4.13
N PRO B 100 10.52 -11.02 3.25
CA PRO B 100 10.20 -11.25 1.85
C PRO B 100 9.63 -12.64 1.63
N LEU B 101 8.86 -12.77 0.55
CA LEU B 101 8.12 -13.98 0.26
C LEU B 101 8.54 -14.56 -1.08
N ARG B 102 8.23 -15.84 -1.28
CA ARG B 102 8.52 -16.52 -2.55
C ARG B 102 7.29 -16.50 -3.46
N SER B 103 6.19 -17.09 -3.00
CA SER B 103 4.94 -17.00 -3.74
C SER B 103 4.29 -15.64 -3.49
N SER B 104 3.77 -15.04 -4.55
CA SER B 104 3.24 -13.68 -4.48
C SER B 104 1.74 -13.63 -4.24
N TRP B 105 1.10 -14.78 -4.01
CA TRP B 105 -0.34 -14.83 -3.76
C TRP B 105 -0.57 -15.52 -2.41
N VAL B 106 -1.07 -14.76 -1.44
CA VAL B 106 -1.32 -15.26 -0.10
C VAL B 106 -2.68 -14.73 0.37
N MET B 107 -3.38 -15.52 1.18
CA MET B 107 -4.71 -15.14 1.64
C MET B 107 -4.93 -15.36 3.13
N THR B 108 -3.87 -15.61 3.90
CA THR B 108 -4.02 -15.77 5.34
C THR B 108 -2.71 -15.46 6.05
N CYS B 109 -2.82 -15.08 7.32
CA CYS B 109 -1.67 -14.84 8.18
C CYS B 109 -2.05 -15.21 9.60
N ALA B 110 -1.03 -15.48 10.42
CA ALA B 110 -1.26 -15.88 11.80
C ALA B 110 -0.09 -15.45 12.66
N TYR B 111 -0.33 -15.35 13.97
CA TYR B 111 0.68 -14.98 14.93
C TYR B 111 0.64 -15.97 16.10
N ALA B 112 1.78 -16.58 16.41
CA ALA B 112 1.83 -17.55 17.49
C ALA B 112 1.63 -16.85 18.83
N PRO B 113 0.92 -17.49 19.76
CA PRO B 113 0.74 -16.88 21.09
C PRO B 113 2.05 -16.66 21.82
N SER B 114 3.03 -17.54 21.63
CA SER B 114 4.31 -17.37 22.28
C SER B 114 5.07 -16.17 21.72
N GLY B 115 4.89 -15.87 20.44
CA GLY B 115 5.55 -14.77 19.81
C GLY B 115 6.81 -15.11 19.05
N ASN B 116 7.09 -16.39 18.82
CA ASN B 116 8.31 -16.79 18.15
C ASN B 116 8.10 -17.23 16.70
N TYR B 117 6.86 -17.37 16.24
CA TYR B 117 6.60 -17.89 14.90
C TYR B 117 5.48 -17.09 14.24
N VAL B 118 5.53 -17.03 12.90
CA VAL B 118 4.47 -16.48 12.08
C VAL B 118 4.20 -17.46 10.94
N ALA B 119 3.00 -17.37 10.38
CA ALA B 119 2.59 -18.28 9.31
C ALA B 119 1.80 -17.52 8.26
N CYS B 120 1.78 -18.08 7.05
CA CYS B 120 1.03 -17.52 5.95
C CYS B 120 0.72 -18.63 4.96
N GLY B 121 -0.25 -18.36 4.07
CA GLY B 121 -0.63 -19.32 3.06
C GLY B 121 -1.35 -18.65 1.92
N GLY B 122 -1.39 -19.34 0.79
CA GLY B 122 -2.03 -18.82 -0.40
C GLY B 122 -2.39 -19.87 -1.43
N LEU B 123 -2.15 -19.56 -2.71
CA LEU B 123 -2.51 -20.44 -3.80
C LEU B 123 -1.47 -21.51 -4.10
N ASP B 124 -0.34 -21.48 -3.39
CA ASP B 124 0.72 -22.44 -3.63
C ASP B 124 0.37 -23.82 -3.09
N ASN B 125 -0.69 -23.93 -2.30
CA ASN B 125 -1.11 -25.19 -1.66
C ASN B 125 -0.12 -25.64 -0.59
N ILE B 126 0.70 -24.72 -0.08
CA ILE B 126 1.74 -25.05 0.88
C ILE B 126 1.73 -24.02 2.00
N CYS B 127 1.82 -24.50 3.24
CA CYS B 127 1.91 -23.63 4.41
C CYS B 127 3.38 -23.34 4.73
N SER B 128 3.65 -22.09 5.09
CA SER B 128 5.00 -21.64 5.40
C SER B 128 5.04 -21.09 6.82
N ILE B 129 6.09 -21.46 7.56
CA ILE B 129 6.26 -21.03 8.95
C ILE B 129 7.65 -20.43 9.09
N TYR B 130 7.72 -19.22 9.66
CA TYR B 130 8.97 -18.48 9.80
C TYR B 130 9.36 -18.35 11.26
N ASN B 131 10.66 -18.36 11.52
CA ASN B 131 11.22 -18.24 12.86
C ASN B 131 11.76 -16.83 13.04
N LEU B 132 11.08 -16.04 13.88
CA LEU B 132 11.49 -14.66 14.08
C LEU B 132 12.77 -14.56 14.90
N LYS B 133 12.87 -15.33 15.99
CA LYS B 133 14.03 -15.26 16.87
C LYS B 133 15.14 -16.15 16.32
N THR B 134 16.27 -15.54 15.95
CA THR B 134 17.39 -16.24 15.35
C THR B 134 18.68 -15.55 15.76
N ARG B 135 19.71 -16.34 16.06
CA ARG B 135 20.99 -15.77 16.48
C ARG B 135 21.62 -14.94 15.38
N GLU B 136 21.52 -15.39 14.13
CA GLU B 136 22.12 -14.65 13.03
C GLU B 136 21.46 -13.29 12.84
N GLY B 137 20.16 -13.21 13.08
CA GLY B 137 19.41 -11.98 12.90
C GLY B 137 18.59 -11.91 11.63
N ASN B 138 18.55 -12.97 10.83
CA ASN B 138 17.75 -13.02 9.62
C ASN B 138 16.60 -14.00 9.82
N VAL B 139 15.39 -13.57 9.48
CA VAL B 139 14.23 -14.44 9.58
C VAL B 139 14.29 -15.50 8.49
N ARG B 140 14.18 -16.76 8.87
CA ARG B 140 14.30 -17.86 7.94
C ARG B 140 13.13 -18.83 8.11
N VAL B 141 12.78 -19.50 7.02
CA VAL B 141 11.70 -20.48 7.03
C VAL B 141 12.20 -21.75 7.71
N SER B 142 11.35 -22.36 8.53
CA SER B 142 11.69 -23.57 9.25
C SER B 142 11.09 -24.82 8.62
N ARG B 143 9.78 -24.86 8.45
CA ARG B 143 9.10 -26.00 7.86
C ARG B 143 8.26 -25.55 6.67
N GLU B 144 8.02 -26.48 5.75
CA GLU B 144 7.16 -26.25 4.59
C GLU B 144 6.16 -27.39 4.50
N LEU B 145 5.02 -27.22 5.16
CA LEU B 145 3.98 -28.25 5.15
C LEU B 145 3.36 -28.39 3.77
N ALA B 146 3.11 -29.64 3.37
CA ALA B 146 2.50 -29.91 2.08
C ALA B 146 1.64 -31.16 2.19
N GLY B 147 0.68 -31.27 1.28
CA GLY B 147 -0.20 -32.42 1.28
C GLY B 147 -1.64 -32.10 0.89
N HIS B 148 -1.96 -30.82 0.77
CA HIS B 148 -3.30 -30.42 0.37
C HIS B 148 -3.41 -30.36 -1.16
N THR B 149 -4.65 -30.48 -1.64
CA THR B 149 -4.94 -30.46 -3.07
C THR B 149 -5.81 -29.26 -3.43
N GLY B 150 -5.85 -28.25 -2.59
CA GLY B 150 -6.67 -27.08 -2.82
C GLY B 150 -6.10 -25.88 -2.12
N TYR B 151 -6.59 -24.71 -2.51
CA TYR B 151 -6.03 -23.46 -2.01
C TYR B 151 -6.29 -23.31 -0.51
N LEU B 152 -5.32 -22.74 0.19
CA LEU B 152 -5.42 -22.55 1.63
C LEU B 152 -6.11 -21.22 1.93
N SER B 153 -7.14 -21.26 2.77
CA SER B 153 -7.94 -20.08 3.07
C SER B 153 -7.58 -19.42 4.39
N CYS B 154 -7.55 -20.20 5.48
CA CYS B 154 -7.28 -19.66 6.80
C CYS B 154 -6.49 -20.67 7.62
N CYS B 155 -5.59 -20.15 8.45
CA CYS B 155 -4.76 -20.98 9.32
C CYS B 155 -4.59 -20.29 10.66
N ARG B 156 -4.62 -21.06 11.74
CA ARG B 156 -4.50 -20.54 13.10
C ARG B 156 -3.65 -21.45 13.95
N PHE B 157 -3.03 -20.88 14.98
CA PHE B 157 -2.18 -21.62 15.90
C PHE B 157 -2.97 -22.11 17.11
N LEU B 158 -2.51 -23.23 17.66
CA LEU B 158 -3.06 -23.78 18.89
C LEU B 158 -1.98 -23.92 19.96
N ASP B 159 -0.80 -24.41 19.58
CA ASP B 159 0.35 -24.53 20.46
C ASP B 159 1.58 -24.07 19.70
N ASP B 160 2.78 -24.39 20.21
CA ASP B 160 4.00 -24.09 19.49
C ASP B 160 4.36 -25.13 18.44
N ASN B 161 3.66 -26.26 18.37
CA ASN B 161 3.91 -27.28 17.37
C ASN B 161 2.63 -27.81 16.72
N GLN B 162 1.48 -27.20 17.02
CA GLN B 162 0.19 -27.65 16.50
C GLN B 162 -0.47 -26.51 15.75
N ILE B 163 -0.87 -26.77 14.51
CA ILE B 163 -1.50 -25.76 13.66
C ILE B 163 -2.71 -26.37 12.96
N VAL B 164 -3.72 -25.55 12.71
CA VAL B 164 -4.97 -25.99 12.10
C VAL B 164 -5.11 -25.30 10.75
N THR B 165 -5.39 -26.09 9.71
CA THR B 165 -5.43 -25.61 8.33
C THR B 165 -6.77 -25.92 7.70
N SER B 166 -7.31 -24.95 6.96
CA SER B 166 -8.53 -25.13 6.18
C SER B 166 -8.21 -24.90 4.71
N SER B 167 -8.72 -25.77 3.84
CA SER B 167 -8.42 -25.72 2.42
C SER B 167 -9.70 -25.75 1.61
N GLY B 168 -9.57 -25.44 0.32
CA GLY B 168 -10.67 -25.43 -0.62
C GLY B 168 -11.03 -26.77 -1.21
N ASP B 169 -10.29 -27.82 -0.87
CA ASP B 169 -10.62 -29.18 -1.28
C ASP B 169 -11.55 -29.88 -0.29
N THR B 170 -12.34 -29.09 0.46
CA THR B 170 -13.34 -29.62 1.40
C THR B 170 -12.70 -30.48 2.50
N THR B 171 -11.51 -30.08 2.94
CA THR B 171 -10.84 -30.78 4.03
C THR B 171 -10.27 -29.77 5.02
N CYS B 172 -10.34 -30.11 6.30
CA CYS B 172 -9.66 -29.39 7.37
C CYS B 172 -8.86 -30.39 8.19
N ALA B 173 -7.63 -30.03 8.55
CA ALA B 173 -6.72 -30.98 9.16
C ALA B 173 -5.86 -30.30 10.22
N LEU B 174 -5.26 -31.13 11.08
CA LEU B 174 -4.36 -30.69 12.12
C LEU B 174 -3.00 -31.36 11.92
N TRP B 175 -1.93 -30.57 12.05
CA TRP B 175 -0.58 -31.04 11.75
C TRP B 175 0.29 -30.99 12.99
N ASP B 176 1.41 -31.72 12.94
CA ASP B 176 2.47 -31.63 13.92
C ASP B 176 3.66 -31.00 13.20
N ILE B 177 4.26 -29.98 13.82
CA ILE B 177 5.21 -29.12 13.10
C ILE B 177 6.51 -29.86 12.84
N GLU B 178 7.15 -30.37 13.89
CA GLU B 178 8.42 -31.06 13.71
C GLU B 178 8.22 -32.34 12.91
N THR B 179 7.17 -33.09 13.23
CA THR B 179 6.92 -34.35 12.52
C THR B 179 6.63 -34.09 11.04
N GLY B 180 5.88 -33.04 10.74
CA GLY B 180 5.63 -32.68 9.36
C GLY B 180 4.57 -33.49 8.65
N GLN B 181 3.79 -34.29 9.38
CA GLN B 181 2.70 -35.06 8.82
C GLN B 181 1.44 -34.82 9.62
N GLN B 182 0.29 -34.92 8.96
CA GLN B 182 -0.99 -34.65 9.61
C GLN B 182 -1.27 -35.70 10.67
N THR B 183 -2.04 -35.30 11.68
CA THR B 183 -2.46 -36.19 12.76
C THR B 183 -3.92 -36.60 12.63
N THR B 184 -4.81 -35.65 12.40
CA THR B 184 -6.23 -35.94 12.23
C THR B 184 -6.77 -35.14 11.05
N THR B 185 -7.84 -35.66 10.45
CA THR B 185 -8.49 -35.03 9.32
C THR B 185 -9.97 -34.91 9.58
N PHE B 186 -10.60 -33.91 8.96
CA PHE B 186 -12.00 -33.61 9.17
C PHE B 186 -12.70 -33.57 7.81
N THR B 187 -13.73 -34.39 7.65
CA THR B 187 -14.48 -34.50 6.40
C THR B 187 -15.97 -34.43 6.71
N GLY B 188 -16.75 -33.91 5.76
CA GLY B 188 -18.18 -33.80 5.95
C GLY B 188 -18.81 -32.57 5.35
N HIS B 189 -18.03 -31.50 5.18
CA HIS B 189 -18.53 -30.33 4.46
C HIS B 189 -18.63 -30.65 2.98
N THR B 190 -19.78 -30.33 2.38
CA THR B 190 -19.96 -30.61 0.97
C THR B 190 -19.17 -29.63 0.11
N GLY B 191 -19.21 -28.34 0.46
CA GLY B 191 -18.49 -27.32 -0.25
C GLY B 191 -17.13 -27.02 0.36
N ASP B 192 -16.47 -26.01 -0.20
CA ASP B 192 -15.12 -25.64 0.25
C ASP B 192 -15.19 -24.73 1.47
N VAL B 193 -14.33 -25.00 2.45
CA VAL B 193 -14.30 -24.22 3.69
C VAL B 193 -13.63 -22.88 3.43
N MET B 194 -14.19 -21.82 4.03
CA MET B 194 -13.67 -20.47 3.84
C MET B 194 -13.02 -19.89 5.09
N SER B 195 -13.70 -19.92 6.23
CA SER B 195 -13.21 -19.29 7.45
C SER B 195 -13.37 -20.23 8.64
N LEU B 196 -12.54 -20.01 9.66
CA LEU B 196 -12.57 -20.81 10.88
C LEU B 196 -12.11 -19.96 12.06
N SER B 197 -12.44 -20.42 13.26
CA SER B 197 -12.02 -19.76 14.49
C SER B 197 -11.83 -20.81 15.57
N LEU B 198 -11.08 -20.43 16.61
CA LEU B 198 -10.73 -21.34 17.70
C LEU B 198 -11.36 -20.89 19.01
N ALA B 199 -11.92 -21.85 19.75
CA ALA B 199 -12.57 -21.55 21.01
C ALA B 199 -11.55 -21.16 22.08
N PRO B 200 -11.94 -20.31 23.03
CA PRO B 200 -10.99 -19.93 24.09
C PRO B 200 -10.49 -21.11 24.92
N ASP B 201 -11.32 -22.14 25.09
CA ASP B 201 -10.90 -23.32 25.85
C ASP B 201 -9.89 -24.17 25.11
N THR B 202 -9.66 -23.92 23.82
CA THR B 202 -8.70 -24.65 23.00
C THR B 202 -8.99 -26.16 23.00
N ARG B 203 -10.26 -26.52 22.83
CA ARG B 203 -10.65 -27.90 22.66
C ARG B 203 -11.64 -28.13 21.52
N LEU B 204 -12.22 -27.07 20.94
CA LEU B 204 -13.16 -27.20 19.84
C LEU B 204 -12.98 -26.02 18.90
N PHE B 205 -13.45 -26.19 17.66
CA PHE B 205 -13.43 -25.11 16.69
C PHE B 205 -14.55 -25.30 15.68
N VAL B 206 -14.97 -24.19 15.06
CA VAL B 206 -16.09 -24.17 14.14
C VAL B 206 -15.65 -23.50 12.84
N SER B 207 -16.31 -23.87 11.74
CA SER B 207 -15.95 -23.35 10.43
C SER B 207 -17.17 -23.40 9.51
N GLY B 208 -17.17 -22.54 8.49
CA GLY B 208 -18.22 -22.51 7.49
C GLY B 208 -17.65 -22.79 6.11
N ALA B 209 -18.44 -23.44 5.27
CA ALA B 209 -17.94 -23.96 4.00
C ALA B 209 -18.89 -23.63 2.85
N CYS B 210 -19.33 -22.39 2.77
CA CYS B 210 -19.95 -21.82 1.56
C CYS B 210 -21.23 -22.55 1.16
N ASP B 211 -21.70 -23.47 2.00
CA ASP B 211 -22.95 -24.19 1.74
C ASP B 211 -24.04 -23.77 2.72
N ALA B 212 -23.96 -22.56 3.25
CA ALA B 212 -24.90 -22.08 4.27
C ALA B 212 -24.93 -23.02 5.46
N SER B 213 -23.76 -23.59 5.78
CA SER B 213 -23.67 -24.62 6.81
C SER B 213 -22.48 -24.31 7.72
N ALA B 214 -22.67 -24.55 9.01
CA ALA B 214 -21.62 -24.42 10.00
C ALA B 214 -21.51 -25.72 10.77
N LYS B 215 -20.28 -26.24 10.90
CA LYS B 215 -20.04 -27.50 11.57
C LYS B 215 -19.01 -27.32 12.68
N LEU B 216 -19.24 -27.99 13.80
CA LEU B 216 -18.33 -27.95 14.94
C LEU B 216 -17.53 -29.24 15.00
N TRP B 217 -16.20 -29.11 15.06
CA TRP B 217 -15.30 -30.24 15.07
C TRP B 217 -14.53 -30.29 16.38
N ASP B 218 -14.08 -31.49 16.74
CA ASP B 218 -13.35 -31.72 17.98
C ASP B 218 -11.92 -32.13 17.62
N VAL B 219 -10.95 -31.54 18.33
CA VAL B 219 -9.55 -31.76 17.98
C VAL B 219 -9.14 -33.20 18.28
N ARG B 220 -9.53 -33.73 19.44
CA ARG B 220 -9.11 -35.07 19.85
C ARG B 220 -10.09 -36.15 19.41
N GLU B 221 -11.40 -35.92 19.54
CA GLU B 221 -12.37 -36.92 19.11
C GLU B 221 -12.34 -37.12 17.60
N GLY B 222 -12.41 -36.03 16.84
CA GLY B 222 -12.23 -36.11 15.40
C GLY B 222 -13.48 -36.33 14.57
N MET B 223 -14.66 -36.10 15.12
CA MET B 223 -15.89 -36.15 14.32
C MET B 223 -16.73 -34.92 14.61
N CYS B 224 -17.49 -34.50 13.60
CA CYS B 224 -18.37 -33.34 13.75
C CYS B 224 -19.45 -33.63 14.78
N ARG B 225 -19.80 -32.61 15.56
CA ARG B 225 -20.81 -32.75 16.60
C ARG B 225 -22.17 -32.23 16.17
N GLN B 226 -22.24 -30.97 15.72
CA GLN B 226 -23.51 -30.38 15.33
C GLN B 226 -23.34 -29.67 13.99
N THR B 227 -24.48 -29.37 13.36
CA THR B 227 -24.50 -28.67 12.08
C THR B 227 -25.63 -27.65 12.10
N PHE B 228 -25.32 -26.44 11.63
CA PHE B 228 -26.27 -25.34 11.60
C PHE B 228 -26.45 -24.87 10.16
N THR B 229 -27.70 -24.63 9.78
CA THR B 229 -28.03 -24.19 8.42
C THR B 229 -29.11 -23.13 8.48
N GLY B 230 -28.74 -21.88 8.25
CA GLY B 230 -29.70 -20.78 8.29
C GLY B 230 -29.52 -19.73 7.22
N HIS B 231 -28.49 -19.86 6.39
CA HIS B 231 -28.19 -18.82 5.41
C HIS B 231 -28.63 -19.26 4.01
N GLU B 232 -28.41 -18.37 3.04
CA GLU B 232 -28.81 -18.59 1.65
C GLU B 232 -27.66 -18.41 0.68
N SER B 233 -26.43 -18.22 1.17
CA SER B 233 -25.28 -18.08 0.29
C SER B 233 -24.01 -18.59 0.96
N ASP B 234 -22.85 -18.22 0.43
CA ASP B 234 -21.57 -18.63 0.98
C ASP B 234 -21.27 -17.83 2.25
N ILE B 235 -20.72 -18.52 3.25
CA ILE B 235 -20.33 -17.89 4.50
C ILE B 235 -18.90 -17.38 4.36
N ASN B 236 -18.67 -16.12 4.73
CA ASN B 236 -17.39 -15.48 4.51
C ASN B 236 -16.61 -15.19 5.79
N ALA B 237 -17.24 -15.26 6.95
CA ALA B 237 -16.55 -14.92 8.18
C ALA B 237 -17.19 -15.66 9.34
N ILE B 238 -16.40 -15.90 10.38
CA ILE B 238 -16.88 -16.54 11.59
C ILE B 238 -15.93 -16.18 12.72
N CYS B 239 -16.48 -16.09 13.94
CA CYS B 239 -15.69 -15.80 15.12
C CYS B 239 -16.48 -16.23 16.35
N PHE B 240 -15.78 -16.38 17.47
CA PHE B 240 -16.35 -16.94 18.69
C PHE B 240 -16.75 -15.82 19.65
N PHE B 241 -17.86 -16.04 20.33
CA PHE B 241 -18.25 -15.15 21.43
C PHE B 241 -17.22 -15.28 22.56
N PRO B 242 -17.01 -14.22 23.34
CA PRO B 242 -15.97 -14.27 24.39
C PRO B 242 -16.10 -15.45 25.34
N ASN B 243 -17.33 -15.82 25.70
CA ASN B 243 -17.51 -16.89 26.68
C ASN B 243 -17.12 -18.24 26.08
N GLY B 244 -17.73 -18.60 24.96
CA GLY B 244 -17.47 -19.86 24.32
C GLY B 244 -18.68 -20.74 24.05
N ASN B 245 -19.90 -20.20 24.16
CA ASN B 245 -21.11 -20.94 23.83
C ASN B 245 -21.89 -20.34 22.69
N ALA B 246 -21.34 -19.36 21.97
CA ALA B 246 -22.02 -18.74 20.84
C ALA B 246 -21.01 -18.38 19.76
N PHE B 247 -21.48 -18.36 18.51
CA PHE B 247 -20.68 -17.92 17.38
C PHE B 247 -21.58 -17.16 16.42
N ALA B 248 -21.00 -16.17 15.75
CA ALA B 248 -21.71 -15.34 14.79
C ALA B 248 -21.05 -15.44 13.42
N THR B 249 -21.87 -15.35 12.37
CA THR B 249 -21.39 -15.50 11.01
C THR B 249 -22.05 -14.47 10.10
N GLY B 250 -21.36 -14.17 9.00
CA GLY B 250 -21.91 -13.29 7.99
C GLY B 250 -21.70 -13.89 6.61
N SER B 251 -22.57 -13.48 5.68
CA SER B 251 -22.58 -14.07 4.36
C SER B 251 -22.87 -13.00 3.32
N ASP B 252 -23.12 -13.45 2.09
CA ASP B 252 -23.44 -12.55 0.98
C ASP B 252 -24.91 -12.16 0.95
N ASP B 253 -25.73 -12.69 1.84
CA ASP B 253 -27.13 -12.29 1.94
C ASP B 253 -27.31 -10.96 2.66
N ALA B 254 -26.21 -10.24 2.94
CA ALA B 254 -26.25 -8.96 3.65
C ALA B 254 -26.93 -9.11 5.01
N THR B 255 -26.69 -10.24 5.67
CA THR B 255 -27.30 -10.53 6.95
C THR B 255 -26.34 -11.31 7.83
N CYS B 256 -26.26 -10.94 9.10
CA CYS B 256 -25.50 -11.65 10.10
C CYS B 256 -26.44 -12.43 11.00
N ARG B 257 -25.89 -13.38 11.76
CA ARG B 257 -26.70 -14.24 12.62
C ARG B 257 -25.89 -14.67 13.83
N LEU B 258 -26.60 -15.09 14.87
CA LEU B 258 -26.01 -15.55 16.11
C LEU B 258 -26.65 -16.88 16.51
N PHE B 259 -25.81 -17.84 16.89
CA PHE B 259 -26.26 -19.18 17.24
C PHE B 259 -25.89 -19.50 18.68
N ASP B 260 -26.42 -20.61 19.18
CA ASP B 260 -26.07 -21.14 20.49
C ASP B 260 -25.77 -22.62 20.36
N LEU B 261 -24.65 -23.05 20.95
CA LEU B 261 -24.22 -24.43 20.82
C LEU B 261 -24.93 -25.37 21.78
N ARG B 262 -25.62 -24.86 22.80
CA ARG B 262 -26.39 -25.69 23.72
C ARG B 262 -27.87 -25.67 23.41
N ALA B 263 -28.43 -24.50 23.10
CA ALA B 263 -29.84 -24.42 22.72
C ALA B 263 -30.06 -24.97 21.31
N ASP B 264 -29.06 -24.87 20.44
CA ASP B 264 -29.17 -25.33 19.05
C ASP B 264 -30.23 -24.56 18.27
N GLN B 265 -30.31 -23.24 18.46
CA GLN B 265 -31.15 -22.41 17.61
C GLN B 265 -30.44 -21.11 17.27
N GLU B 266 -30.84 -20.51 16.16
CA GLU B 266 -30.49 -19.15 15.85
C GLU B 266 -31.36 -18.19 16.65
N LEU B 267 -30.78 -17.07 17.08
CA LEU B 267 -31.45 -16.16 17.99
C LEU B 267 -31.83 -14.89 17.27
N MET B 268 -30.90 -14.20 16.62
CA MET B 268 -31.19 -12.85 16.18
C MET B 268 -30.75 -12.67 14.72
N THR B 269 -31.41 -11.73 14.02
CA THR B 269 -31.16 -11.48 12.59
C THR B 269 -30.78 -10.00 12.39
N TYR B 270 -29.49 -9.71 12.50
CA TYR B 270 -29.01 -8.36 12.21
C TYR B 270 -29.21 -8.03 10.75
N SER B 271 -30.17 -7.16 10.46
CA SER B 271 -30.53 -6.89 9.07
C SER B 271 -30.93 -5.43 8.93
N HIS B 272 -30.78 -4.93 7.70
CA HIS B 272 -31.25 -3.59 7.35
C HIS B 272 -31.58 -3.58 5.86
N ASP B 273 -32.37 -2.60 5.45
CA ASP B 273 -32.86 -2.55 4.09
C ASP B 273 -31.87 -1.91 3.11
N ASN B 274 -31.09 -0.94 3.57
CA ASN B 274 -30.21 -0.21 2.66
C ASN B 274 -29.05 -1.06 2.19
N ILE B 275 -28.55 -1.96 3.04
CA ILE B 275 -27.36 -2.73 2.70
C ILE B 275 -27.72 -3.80 1.66
N ILE B 276 -26.95 -3.84 0.58
CA ILE B 276 -27.19 -4.79 -0.51
C ILE B 276 -25.90 -5.47 -0.90
N CYS B 277 -24.88 -5.41 -0.04
CA CYS B 277 -23.58 -5.99 -0.33
C CYS B 277 -23.24 -7.07 0.69
N GLY B 278 -22.09 -7.71 0.48
CA GLY B 278 -21.69 -8.84 1.30
C GLY B 278 -20.88 -8.46 2.53
N ILE B 279 -20.67 -9.43 3.40
CA ILE B 279 -19.91 -9.26 4.63
C ILE B 279 -18.53 -9.86 4.42
N THR B 280 -17.49 -9.09 4.76
CA THR B 280 -16.11 -9.55 4.58
C THR B 280 -15.51 -10.14 5.85
N SER B 281 -15.56 -9.42 6.96
CA SER B 281 -15.01 -9.89 8.23
C SER B 281 -15.94 -9.53 9.36
N VAL B 282 -15.94 -10.37 10.40
CA VAL B 282 -16.77 -10.16 11.58
C VAL B 282 -15.95 -10.50 12.82
N SER B 283 -16.02 -9.63 13.82
CA SER B 283 -15.34 -9.86 15.09
C SER B 283 -16.18 -9.30 16.22
N PHE B 284 -15.99 -9.85 17.42
CA PHE B 284 -16.70 -9.40 18.61
C PHE B 284 -15.90 -8.31 19.33
N SER B 285 -16.32 -7.98 20.53
CA SER B 285 -15.66 -7.01 21.40
C SER B 285 -15.20 -7.72 22.68
N LYS B 286 -14.73 -6.93 23.64
CA LYS B 286 -14.17 -7.51 24.85
C LYS B 286 -15.24 -8.17 25.70
N SER B 287 -16.34 -7.47 25.95
CA SER B 287 -17.39 -7.96 26.83
C SER B 287 -18.55 -8.60 26.07
N GLY B 288 -18.42 -8.79 24.77
CA GLY B 288 -19.50 -9.36 23.98
C GLY B 288 -20.71 -8.47 23.87
N ARG B 289 -20.51 -7.16 23.76
CA ARG B 289 -21.60 -6.22 23.58
C ARG B 289 -21.61 -5.58 22.19
N LEU B 290 -20.54 -5.71 21.43
CA LEU B 290 -20.45 -5.17 20.09
C LEU B 290 -20.19 -6.30 19.11
N LEU B 291 -20.77 -6.20 17.91
CA LEU B 291 -20.49 -7.13 16.83
C LEU B 291 -20.15 -6.28 15.61
N LEU B 292 -18.87 -5.95 15.49
CA LEU B 292 -18.41 -5.18 14.34
C LEU B 292 -18.41 -6.06 13.09
N ALA B 293 -18.80 -5.47 11.97
CA ALA B 293 -18.87 -6.20 10.70
C ALA B 293 -18.38 -5.30 9.58
N GLY B 294 -17.56 -5.86 8.69
CA GLY B 294 -17.03 -5.13 7.56
C GLY B 294 -17.84 -5.41 6.31
N TYR B 295 -18.41 -4.35 5.75
CA TYR B 295 -19.27 -4.45 4.58
C TYR B 295 -18.50 -4.04 3.33
N ASP B 296 -19.11 -4.33 2.18
CA ASP B 296 -18.56 -3.95 0.87
C ASP B 296 -19.00 -2.56 0.44
N ASP B 297 -19.67 -1.81 1.31
CA ASP B 297 -20.16 -0.47 0.99
C ASP B 297 -19.07 0.57 1.20
N PHE B 298 -17.81 0.15 1.14
CA PHE B 298 -16.66 1.03 1.37
C PHE B 298 -16.71 1.65 2.77
N ASN B 299 -17.27 0.90 3.72
CA ASN B 299 -17.39 1.37 5.09
C ASN B 299 -17.61 0.16 6.00
N CYS B 300 -17.60 0.41 7.30
CA CYS B 300 -17.81 -0.62 8.31
C CYS B 300 -18.87 -0.12 9.28
N ASN B 301 -19.62 -1.06 9.85
CA ASN B 301 -20.77 -0.72 10.68
C ASN B 301 -20.68 -1.44 12.01
N VAL B 302 -21.33 -0.88 13.03
CA VAL B 302 -21.30 -1.39 14.38
C VAL B 302 -22.72 -1.75 14.81
N TRP B 303 -22.88 -2.95 15.37
CA TRP B 303 -24.20 -3.45 15.75
C TRP B 303 -24.28 -3.66 17.25
N ASP B 304 -25.37 -4.28 17.71
CA ASP B 304 -25.55 -4.59 19.11
C ASP B 304 -25.98 -6.05 19.22
N ALA B 305 -25.52 -6.72 20.27
CA ALA B 305 -25.82 -8.14 20.42
C ALA B 305 -27.27 -8.39 20.80
N LEU B 306 -27.80 -7.62 21.74
CA LEU B 306 -29.14 -7.87 22.27
C LEU B 306 -30.20 -6.93 21.71
N LYS B 307 -29.82 -6.02 20.81
CA LYS B 307 -30.77 -5.04 20.29
C LYS B 307 -30.78 -5.05 18.77
N ALA B 308 -29.61 -5.28 18.16
CA ALA B 308 -29.46 -5.33 16.71
C ALA B 308 -29.83 -3.99 16.05
N ASP B 309 -29.72 -2.90 16.80
CA ASP B 309 -29.90 -1.56 16.25
C ASP B 309 -28.53 -0.95 15.99
N ARG B 310 -28.37 -0.34 14.82
CA ARG B 310 -27.08 0.22 14.43
C ARG B 310 -26.65 1.31 15.41
N ALA B 311 -25.34 1.37 15.68
CA ALA B 311 -24.78 2.32 16.63
C ALA B 311 -23.97 3.40 15.93
N GLY B 312 -23.00 3.02 15.11
CA GLY B 312 -22.18 3.99 14.41
C GLY B 312 -21.52 3.37 13.20
N VAL B 313 -21.01 4.24 12.33
CA VAL B 313 -20.33 3.83 11.11
C VAL B 313 -18.89 4.30 11.20
N LEU B 314 -17.95 3.38 11.05
CA LEU B 314 -16.54 3.71 11.07
C LEU B 314 -16.06 4.03 9.66
N ALA B 315 -16.73 4.97 9.00
CA ALA B 315 -16.35 5.33 7.65
C ALA B 315 -15.02 6.05 7.62
N GLY B 316 -14.41 6.10 6.45
CA GLY B 316 -13.13 6.76 6.30
C GLY B 316 -12.19 6.06 5.34
N HIS B 317 -12.61 4.93 4.78
CA HIS B 317 -11.85 4.23 3.77
C HIS B 317 -12.34 4.61 2.38
N ASP B 318 -11.49 4.35 1.39
CA ASP B 318 -11.80 4.65 0.00
C ASP B 318 -12.11 3.39 -0.81
N ASN B 319 -12.08 2.22 -0.20
CA ASN B 319 -12.29 0.98 -0.93
C ASN B 319 -12.88 -0.06 0.02
N ARG B 320 -12.80 -1.33 -0.37
CA ARG B 320 -13.44 -2.42 0.35
C ARG B 320 -12.60 -2.85 1.55
N VAL B 321 -13.22 -2.85 2.73
CA VAL B 321 -12.59 -3.41 3.92
C VAL B 321 -12.47 -4.91 3.78
N SER B 322 -11.29 -5.45 4.08
CA SER B 322 -11.02 -6.87 3.91
C SER B 322 -10.70 -7.60 5.21
N CYS B 323 -10.17 -6.91 6.21
CA CYS B 323 -9.82 -7.55 7.47
C CYS B 323 -10.26 -6.69 8.64
N LEU B 324 -10.44 -7.33 9.80
CA LEU B 324 -10.88 -6.65 11.01
C LEU B 324 -10.37 -7.43 12.22
N GLY B 325 -10.02 -6.72 13.27
CA GLY B 325 -9.49 -7.34 14.46
C GLY B 325 -9.67 -6.47 15.68
N VAL B 326 -9.78 -7.11 16.84
CA VAL B 326 -9.93 -6.43 18.12
C VAL B 326 -8.86 -6.96 19.06
N THR B 327 -8.15 -6.03 19.72
CA THR B 327 -7.03 -6.41 20.56
C THR B 327 -7.48 -7.22 21.77
N ASP B 328 -6.56 -8.02 22.30
CA ASP B 328 -6.87 -8.87 23.46
C ASP B 328 -7.23 -8.04 24.68
N ASP B 329 -6.49 -6.95 24.91
CA ASP B 329 -6.78 -6.11 26.08
C ASP B 329 -8.06 -5.30 25.91
N GLY B 330 -8.59 -5.22 24.70
CA GLY B 330 -9.82 -4.49 24.45
C GLY B 330 -9.64 -3.00 24.21
N MET B 331 -8.50 -2.58 23.67
CA MET B 331 -8.23 -1.16 23.53
C MET B 331 -8.62 -0.63 22.15
N ALA B 332 -8.07 -1.22 21.09
CA ALA B 332 -8.18 -0.65 19.76
C ALA B 332 -8.78 -1.67 18.79
N VAL B 333 -9.23 -1.15 17.65
CA VAL B 333 -9.76 -1.96 16.55
C VAL B 333 -9.05 -1.55 15.27
N ALA B 334 -8.57 -2.52 14.52
CA ALA B 334 -7.78 -2.28 13.32
C ALA B 334 -8.55 -2.69 12.08
N THR B 335 -8.33 -1.94 10.99
CA THR B 335 -8.99 -2.20 9.72
C THR B 335 -7.96 -2.17 8.60
N GLY B 336 -8.16 -3.02 7.61
CA GLY B 336 -7.30 -3.02 6.44
C GLY B 336 -8.12 -3.21 5.18
N SER B 337 -7.82 -2.40 4.17
CA SER B 337 -8.60 -2.37 2.94
C SER B 337 -7.67 -2.22 1.75
N TRP B 338 -8.26 -2.31 0.56
CA TRP B 338 -7.49 -2.36 -0.68
C TRP B 338 -6.84 -1.03 -1.05
N ASP B 339 -6.90 -0.01 -0.20
CA ASP B 339 -6.18 1.22 -0.50
C ASP B 339 -4.72 1.17 -0.10
N SER B 340 -4.23 0.01 0.33
CA SER B 340 -2.86 -0.18 0.80
C SER B 340 -2.59 0.65 2.04
N PHE B 341 -3.58 0.80 2.90
CA PHE B 341 -3.40 1.49 4.18
C PHE B 341 -4.08 0.71 5.28
N LEU B 342 -3.42 0.64 6.43
CA LEU B 342 -4.02 0.18 7.68
C LEU B 342 -4.33 1.39 8.55
N LYS B 343 -5.44 1.31 9.27
CA LYS B 343 -5.84 2.37 10.19
C LYS B 343 -6.17 1.75 11.54
N ILE B 344 -5.72 2.40 12.61
CA ILE B 344 -5.96 1.93 13.97
C ILE B 344 -6.99 2.86 14.60
N TRP B 345 -8.14 2.31 14.97
CA TRP B 345 -9.21 3.05 15.60
C TRP B 345 -9.15 2.84 17.11
N ASN B 346 -10.04 3.53 17.82
CA ASN B 346 -10.09 3.39 19.27
C ASN B 346 -11.52 3.23 19.74
N VAL C 22 28.65 -18.16 15.73
CA VAL C 22 29.24 -16.99 15.09
C VAL C 22 30.61 -16.70 15.71
N GLN C 23 31.48 -16.05 14.94
CA GLN C 23 32.85 -15.80 15.36
C GLN C 23 33.26 -14.40 14.95
N LEU C 24 33.77 -13.63 15.91
CA LEU C 24 34.33 -12.31 15.66
C LEU C 24 35.79 -12.32 16.08
N VAL C 25 36.67 -11.89 15.19
CA VAL C 25 38.11 -11.87 15.46
C VAL C 25 38.60 -10.44 15.38
N GLU C 26 39.59 -10.12 16.20
CA GLU C 26 40.21 -8.80 16.21
C GLU C 26 41.72 -8.95 16.08
N SER C 27 42.32 -8.07 15.28
CA SER C 27 43.76 -8.11 15.04
C SER C 27 44.25 -6.67 14.88
N GLY C 28 45.50 -6.54 14.41
CA GLY C 28 46.09 -5.24 14.22
C GLY C 28 46.74 -4.64 15.44
N GLY C 29 46.98 -5.42 16.49
CA GLY C 29 47.63 -4.94 17.68
C GLY C 29 49.08 -5.37 17.78
N GLY C 30 49.87 -4.57 18.49
CA GLY C 30 51.27 -4.88 18.67
C GLY C 30 51.99 -3.74 19.38
N LEU C 31 53.29 -3.95 19.59
CA LEU C 31 54.11 -2.95 20.25
C LEU C 31 54.32 -1.74 19.36
N VAL C 32 54.26 -0.55 19.95
CA VAL C 32 54.46 0.70 19.23
C VAL C 32 55.27 1.66 20.09
N GLN C 33 55.88 2.64 19.43
CA GLN C 33 56.61 3.73 20.05
C GLN C 33 55.70 4.92 20.27
N PRO C 34 56.04 5.83 21.18
CA PRO C 34 55.21 7.03 21.37
C PRO C 34 55.06 7.81 20.07
N GLY C 35 53.87 8.36 19.86
CA GLY C 35 53.56 8.96 18.59
C GLY C 35 53.19 7.87 17.57
N GLY C 36 53.13 8.28 16.31
CA GLY C 36 52.84 7.35 15.24
C GLY C 36 51.37 7.08 15.06
N SER C 37 51.08 5.96 14.39
CA SER C 37 49.71 5.60 14.05
C SER C 37 49.62 4.09 13.89
N ARG C 38 48.39 3.59 13.87
CA ARG C 38 48.13 2.16 13.74
C ARG C 38 46.67 1.99 13.35
N LYS C 39 46.40 0.92 12.61
CA LYS C 39 45.04 0.57 12.20
C LYS C 39 44.70 -0.82 12.72
N LEU C 40 43.55 -0.94 13.37
CA LEU C 40 43.05 -2.21 13.89
C LEU C 40 42.10 -2.84 12.88
N SER C 41 41.91 -4.15 13.00
CA SER C 41 41.06 -4.90 12.09
C SER C 41 40.17 -5.86 12.87
N CYS C 42 38.93 -6.00 12.42
CA CYS C 42 37.98 -6.92 13.01
C CYS C 42 37.34 -7.76 11.91
N SER C 43 37.25 -9.07 12.14
CA SER C 43 36.71 -10.00 11.17
C SER C 43 35.40 -10.58 11.68
N ALA C 44 34.38 -10.61 10.82
CA ALA C 44 33.07 -11.13 11.15
C ALA C 44 32.72 -12.27 10.22
N SER C 45 32.13 -13.33 10.76
CA SER C 45 31.78 -14.51 9.97
C SER C 45 30.73 -15.32 10.71
N GLY C 46 29.54 -15.43 10.12
CA GLY C 46 28.52 -16.30 10.65
C GLY C 46 27.16 -15.66 10.90
N PHE C 47 26.99 -14.40 10.51
CA PHE C 47 25.75 -13.70 10.74
C PHE C 47 25.62 -12.57 9.72
N ALA C 48 24.52 -11.85 9.80
CA ALA C 48 24.27 -10.71 8.90
C ALA C 48 25.04 -9.50 9.44
N PHE C 49 26.10 -9.11 8.73
CA PHE C 49 26.95 -8.02 9.22
C PHE C 49 26.29 -6.66 9.04
N SER C 50 25.45 -6.51 8.02
CA SER C 50 24.87 -5.20 7.74
C SER C 50 23.89 -4.77 8.82
N SER C 51 23.02 -5.69 9.26
CA SER C 51 21.96 -5.34 10.19
C SER C 51 22.52 -4.89 11.54
N PHE C 52 23.55 -5.58 12.03
CA PHE C 52 24.06 -5.32 13.36
C PHE C 52 24.91 -4.06 13.40
N GLY C 53 24.78 -3.30 14.50
CA GLY C 53 25.72 -2.24 14.80
C GLY C 53 26.94 -2.76 15.54
N MET C 54 27.96 -1.92 15.64
CA MET C 54 29.22 -2.32 16.25
C MET C 54 29.69 -1.26 17.25
N HIS C 55 30.37 -1.74 18.30
CA HIS C 55 30.97 -0.88 19.32
C HIS C 55 32.43 -1.25 19.50
N TRP C 56 33.15 -0.39 20.23
CA TRP C 56 34.53 -0.64 20.63
C TRP C 56 34.65 -0.35 22.13
N VAL C 57 35.26 -1.28 22.87
CA VAL C 57 35.43 -1.14 24.30
C VAL C 57 36.85 -1.53 24.69
N ARG C 58 37.48 -0.71 25.53
CA ARG C 58 38.85 -0.88 25.95
C ARG C 58 38.91 -1.23 27.43
N GLN C 59 40.02 -1.85 27.83
CA GLN C 59 40.21 -2.26 29.23
C GLN C 59 41.66 -2.02 29.63
N ALA C 60 41.87 -1.26 30.69
CA ALA C 60 43.20 -1.06 31.24
C ALA C 60 43.71 -2.38 31.84
N PRO C 61 45.04 -2.52 31.99
CA PRO C 61 45.61 -3.79 32.49
C PRO C 61 44.85 -4.44 33.63
N GLU C 62 44.64 -3.72 34.74
CA GLU C 62 43.95 -4.27 35.92
C GLU C 62 42.94 -3.24 36.43
N LYS C 63 42.12 -2.72 35.52
CA LYS C 63 41.13 -1.71 35.87
C LYS C 63 39.82 -1.95 35.15
N GLY C 64 38.94 -0.96 35.13
CA GLY C 64 37.61 -1.05 34.57
C GLY C 64 37.61 -0.92 33.06
N LEU C 65 36.42 -0.64 32.52
CA LEU C 65 36.20 -0.57 31.08
C LEU C 65 35.81 0.85 30.68
N GLU C 66 35.77 1.09 29.38
CA GLU C 66 35.45 2.41 28.86
C GLU C 66 34.91 2.30 27.45
N TRP C 67 33.88 3.10 27.15
CA TRP C 67 33.30 3.14 25.82
C TRP C 67 34.08 4.10 24.92
N VAL C 68 34.23 3.73 23.65
CA VAL C 68 35.04 4.48 22.69
C VAL C 68 34.18 5.11 21.59
N ALA C 69 33.51 4.29 20.80
CA ALA C 69 32.80 4.79 19.62
C ALA C 69 31.70 3.82 19.25
N TYR C 70 30.90 4.23 18.27
CA TYR C 70 29.76 3.44 17.80
C TYR C 70 29.33 3.94 16.43
N ILE C 71 29.32 3.03 15.45
CA ILE C 71 28.83 3.33 14.11
C ILE C 71 27.52 2.56 13.91
N SER C 72 26.51 3.25 13.41
CA SER C 72 25.19 2.67 13.27
C SER C 72 25.10 1.83 12.00
N SER C 73 23.96 1.18 11.83
CA SER C 73 23.72 0.38 10.63
C SER C 73 23.63 1.28 9.41
N GLY C 74 24.33 0.88 8.35
CA GLY C 74 24.37 1.69 7.15
C GLY C 74 25.30 2.87 7.22
N SER C 75 26.11 2.97 8.26
CA SER C 75 27.06 4.07 8.45
C SER C 75 26.35 5.41 8.41
N GLY C 76 25.23 5.49 9.12
CA GLY C 76 24.46 6.72 9.18
C GLY C 76 25.00 7.74 10.18
N THR C 77 25.07 7.35 11.45
CA THR C 77 25.51 8.24 12.51
C THR C 77 26.69 7.62 13.26
N ILE C 78 27.63 8.47 13.67
CA ILE C 78 28.80 8.07 14.42
C ILE C 78 28.92 8.93 15.67
N TYR C 79 29.12 8.30 16.82
CA TYR C 79 29.32 8.98 18.09
C TYR C 79 30.70 8.64 18.64
N TYR C 80 31.29 9.57 19.38
CA TYR C 80 32.63 9.40 19.93
C TYR C 80 32.64 9.73 21.42
N ALA C 81 33.64 9.20 22.11
CA ALA C 81 33.83 9.50 23.52
C ALA C 81 34.43 10.88 23.69
N ASP C 82 34.21 11.47 24.87
CA ASP C 82 34.76 12.79 25.14
C ASP C 82 36.19 12.73 25.67
N THR C 83 36.61 11.58 26.20
CA THR C 83 37.97 11.45 26.71
C THR C 83 38.99 11.67 25.60
N VAL C 84 38.76 11.06 24.44
CA VAL C 84 39.59 11.24 23.25
C VAL C 84 38.67 11.46 22.06
N LYS C 85 39.01 12.44 21.22
CA LYS C 85 38.18 12.77 20.08
C LYS C 85 39.02 13.55 19.07
N GLY C 86 38.78 13.27 17.79
CA GLY C 86 39.55 13.88 16.72
C GLY C 86 40.83 13.15 16.38
N ARG C 87 41.27 12.23 17.23
CA ARG C 87 42.45 11.43 16.98
C ARG C 87 42.11 10.00 16.56
N PHE C 88 40.84 9.61 16.64
CA PHE C 88 40.39 8.28 16.30
C PHE C 88 39.44 8.36 15.10
N THR C 89 39.45 7.30 14.29
CA THR C 89 38.57 7.20 13.14
C THR C 89 38.05 5.79 13.02
N ILE C 90 36.74 5.65 12.79
CA ILE C 90 36.08 4.37 12.71
C ILE C 90 35.33 4.28 11.39
N SER C 91 35.45 3.13 10.72
CA SER C 91 34.74 2.88 9.47
C SER C 91 34.50 1.39 9.34
N ARG C 92 33.53 1.04 8.49
CA ARG C 92 33.13 -0.34 8.28
C ARG C 92 33.13 -0.65 6.78
N ASP C 93 33.29 -1.94 6.48
CA ASP C 93 33.34 -2.43 5.10
C ASP C 93 32.36 -3.59 4.99
N ASP C 94 31.16 -3.30 4.47
CA ASP C 94 30.11 -4.32 4.41
C ASP C 94 30.47 -5.53 3.55
N PRO C 95 30.94 -5.39 2.29
CA PRO C 95 31.06 -6.57 1.42
C PRO C 95 32.09 -7.59 1.90
N LYS C 96 33.12 -7.14 2.61
CA LYS C 96 34.13 -8.04 3.15
C LYS C 96 33.86 -8.43 4.60
N ASN C 97 32.76 -7.93 5.19
CA ASN C 97 32.39 -8.25 6.57
C ASN C 97 33.54 -7.93 7.53
N THR C 98 34.14 -6.76 7.35
CA THR C 98 35.31 -6.36 8.10
C THR C 98 35.06 -5.02 8.78
N LEU C 99 35.60 -4.87 9.98
CA LEU C 99 35.53 -3.62 10.73
C LEU C 99 36.94 -3.18 11.12
N PHE C 100 37.26 -1.91 10.88
CA PHE C 100 38.58 -1.40 11.16
C PHE C 100 38.51 -0.04 11.82
N LEU C 101 39.52 0.26 12.66
CA LEU C 101 39.60 1.50 13.42
C LEU C 101 41.03 2.04 13.32
N GLN C 102 41.15 3.37 13.23
CA GLN C 102 42.42 4.04 13.03
C GLN C 102 42.78 4.89 14.24
N MET C 103 44.06 4.89 14.61
CA MET C 103 44.54 5.70 15.72
C MET C 103 45.71 6.56 15.30
N THR C 104 45.77 7.77 15.86
CA THR C 104 46.88 8.69 15.68
C THR C 104 47.24 9.29 17.03
N SER C 105 48.51 9.71 17.16
CA SER C 105 49.02 10.40 18.35
C SER C 105 48.74 9.61 19.62
N LEU C 106 49.35 8.43 19.70
CA LEU C 106 49.14 7.55 20.84
C LEU C 106 49.71 8.16 22.12
N ARG C 107 49.09 7.81 23.24
CA ARG C 107 49.49 8.30 24.55
C ARG C 107 49.56 7.13 25.52
N SER C 108 50.21 7.38 26.66
CA SER C 108 50.38 6.34 27.67
C SER C 108 49.04 5.91 28.26
N GLU C 109 48.06 6.80 28.29
CA GLU C 109 46.74 6.45 28.80
C GLU C 109 46.01 5.46 27.89
N ASP C 110 46.50 5.26 26.66
CA ASP C 110 45.85 4.39 25.70
C ASP C 110 46.40 2.96 25.73
N THR C 111 47.22 2.64 26.71
CA THR C 111 47.76 1.29 26.87
C THR C 111 46.65 0.40 27.41
N ALA C 112 46.03 -0.38 26.52
CA ALA C 112 44.88 -1.19 26.89
C ALA C 112 44.71 -2.32 25.89
N MET C 113 43.96 -3.34 26.30
CA MET C 113 43.60 -4.44 25.43
C MET C 113 42.15 -4.27 24.97
N TYR C 114 41.95 -4.32 23.65
CA TYR C 114 40.71 -3.85 23.04
C TYR C 114 39.73 -4.99 22.81
N TYR C 115 38.45 -4.62 22.70
CA TYR C 115 37.35 -5.56 22.50
C TYR C 115 36.42 -5.05 21.41
N CYS C 116 35.67 -5.97 20.83
CA CYS C 116 34.65 -5.64 19.83
C CYS C 116 33.29 -6.12 20.33
N VAL C 117 32.26 -5.31 20.07
CA VAL C 117 30.93 -5.56 20.62
C VAL C 117 29.90 -5.47 19.49
N ARG C 118 28.96 -6.41 19.52
CA ARG C 118 27.85 -6.48 18.58
C ARG C 118 26.57 -6.08 19.29
N SER C 119 25.71 -5.32 18.60
CA SER C 119 24.46 -4.88 19.20
C SER C 119 23.44 -4.59 18.11
N ILE C 120 22.19 -4.93 18.38
CA ILE C 120 21.06 -4.67 17.50
C ILE C 120 20.00 -3.92 18.27
N TYR C 121 19.17 -3.15 17.56
CA TYR C 121 18.20 -2.27 18.21
C TYR C 121 16.86 -2.35 17.51
N TYR C 122 15.87 -2.91 18.20
CA TYR C 122 14.46 -2.89 17.81
C TYR C 122 13.67 -3.39 19.00
N TYR C 123 12.34 -3.37 18.88
CA TYR C 123 11.49 -3.76 20.00
C TYR C 123 11.76 -5.21 20.39
N GLY C 124 12.03 -5.42 21.68
CA GLY C 124 12.32 -6.74 22.19
C GLY C 124 13.60 -7.32 21.64
N SER C 125 14.71 -6.65 21.86
CA SER C 125 16.01 -7.07 21.36
C SER C 125 16.94 -7.35 22.54
N SER C 126 18.14 -7.82 22.23
CA SER C 126 19.15 -8.14 23.24
C SER C 126 20.45 -7.45 22.86
N PRO C 127 20.57 -6.14 23.10
CA PRO C 127 21.80 -5.43 22.77
C PRO C 127 22.97 -5.89 23.63
N PHE C 128 24.16 -5.78 23.06
CA PHE C 128 25.42 -6.16 23.72
C PHE C 128 25.38 -7.63 24.15
N ASP C 129 25.32 -8.50 23.14
CA ASP C 129 25.19 -9.93 23.35
C ASP C 129 26.49 -10.70 23.18
N PHE C 130 27.30 -10.38 22.17
CA PHE C 130 28.50 -11.14 21.85
C PHE C 130 29.73 -10.23 21.90
N TRP C 131 30.79 -10.71 22.55
CA TRP C 131 32.04 -9.99 22.72
C TRP C 131 33.17 -10.82 22.12
N GLY C 132 34.05 -10.16 21.36
CA GLY C 132 35.20 -10.84 20.80
C GLY C 132 36.37 -10.90 21.76
N GLN C 133 37.32 -11.78 21.46
CA GLN C 133 38.50 -11.93 22.31
C GLN C 133 39.37 -10.69 22.28
N GLY C 134 39.50 -10.06 21.13
CA GLY C 134 40.22 -8.80 21.02
C GLY C 134 41.70 -8.95 20.80
N THR C 135 42.42 -7.86 21.09
CA THR C 135 43.85 -7.79 20.88
C THR C 135 44.45 -6.86 21.94
N THR C 136 45.78 -6.85 22.00
CA THR C 136 46.51 -6.06 22.99
C THR C 136 47.28 -4.95 22.30
N LEU C 137 47.63 -3.92 23.07
CA LEU C 137 48.38 -2.78 22.56
C LEU C 137 49.14 -2.14 23.70
N THR C 138 50.38 -1.70 23.43
CA THR C 138 51.23 -1.08 24.44
C THR C 138 52.08 -0.02 23.76
N VAL C 139 52.05 1.20 24.30
CA VAL C 139 52.87 2.30 23.77
C VAL C 139 54.03 2.49 24.74
N SER C 140 55.23 2.17 24.25
CA SER C 140 56.47 2.26 25.02
C SER C 140 56.36 1.62 26.40
N ASP C 157 28.35 13.42 32.87
CA ASP C 157 28.06 12.02 32.63
C ASP C 157 27.52 11.34 33.87
N ILE C 158 26.60 10.40 33.67
CA ILE C 158 26.06 9.64 34.78
C ILE C 158 27.15 8.77 35.39
N VAL C 159 27.24 8.77 36.72
CA VAL C 159 28.31 8.10 37.44
C VAL C 159 27.73 6.95 38.24
N MET C 160 28.42 5.81 38.20
CA MET C 160 28.05 4.63 38.97
C MET C 160 28.96 4.46 40.19
N THR C 161 28.38 3.92 41.26
CA THR C 161 29.08 3.67 42.51
C THR C 161 28.99 2.18 42.83
N GLN C 162 29.92 1.41 42.28
CA GLN C 162 29.99 -0.03 42.55
C GLN C 162 31.10 -0.27 43.57
N ALA C 163 30.74 -0.24 44.84
CA ALA C 163 31.70 -0.55 45.89
C ALA C 163 32.23 -1.96 45.70
N THR C 164 33.56 -2.10 45.74
CA THR C 164 34.16 -3.39 45.42
C THR C 164 33.94 -4.39 46.55
N SER C 165 34.46 -4.10 47.74
CA SER C 165 34.21 -4.87 48.97
C SER C 165 34.02 -6.35 48.69
N SER C 166 35.06 -6.96 48.12
CA SER C 166 35.02 -8.35 47.69
C SER C 166 34.51 -9.26 48.79
N VAL C 167 33.36 -9.87 48.54
CA VAL C 167 32.66 -10.67 49.55
C VAL C 167 33.10 -12.12 49.41
N PRO C 168 33.78 -12.69 50.40
CA PRO C 168 34.06 -14.14 50.36
C PRO C 168 32.76 -14.93 50.42
N VAL C 169 32.71 -16.02 49.67
CA VAL C 169 31.50 -16.83 49.54
C VAL C 169 31.87 -18.29 49.34
N THR C 170 31.06 -19.17 49.91
CA THR C 170 31.22 -20.60 49.74
C THR C 170 30.14 -21.16 48.82
N PRO C 171 30.39 -22.28 48.15
CA PRO C 171 29.37 -22.84 47.25
C PRO C 171 28.09 -23.16 48.00
N GLY C 172 26.95 -22.91 47.34
CA GLY C 172 25.64 -23.15 47.90
C GLY C 172 25.01 -21.93 48.56
N GLU C 173 25.78 -20.88 48.81
CA GLU C 173 25.25 -19.69 49.46
C GLU C 173 24.75 -18.69 48.43
N SER C 174 23.70 -17.95 48.80
CA SER C 174 23.17 -16.91 47.94
C SER C 174 23.85 -15.58 48.23
N VAL C 175 23.99 -14.76 47.18
CA VAL C 175 24.71 -13.49 47.25
C VAL C 175 23.84 -12.41 46.63
N SER C 176 24.15 -11.16 46.97
CA SER C 176 23.49 -10.01 46.36
C SER C 176 24.53 -8.91 46.13
N ILE C 177 24.57 -8.38 44.90
CA ILE C 177 25.47 -7.31 44.52
C ILE C 177 24.64 -6.13 44.07
N SER C 178 24.96 -4.94 44.58
CA SER C 178 24.20 -3.73 44.31
C SER C 178 25.07 -2.71 43.60
N CYS C 179 24.54 -2.12 42.53
CA CYS C 179 25.19 -1.03 41.81
C CYS C 179 24.33 0.22 41.95
N ARG C 180 24.98 1.36 42.14
CA ARG C 180 24.30 2.62 42.42
C ARG C 180 24.44 3.57 41.24
N SER C 181 23.38 4.34 40.99
CA SER C 181 23.36 5.33 39.92
C SER C 181 22.86 6.66 40.48
N SER C 182 23.22 7.75 39.81
CA SER C 182 22.88 9.09 40.27
C SER C 182 21.53 9.53 39.70
N LYS C 183 21.43 9.59 38.37
CA LYS C 183 20.20 10.01 37.73
C LYS C 183 19.21 8.84 37.67
N SER C 184 17.94 9.14 37.89
CA SER C 184 16.90 8.12 37.80
C SER C 184 16.84 7.56 36.39
N LEU C 185 16.78 6.23 36.29
CA LEU C 185 16.83 5.53 35.02
C LEU C 185 15.45 5.13 34.51
N LEU C 186 14.39 5.66 35.11
CA LEU C 186 13.02 5.34 34.72
C LEU C 186 12.55 6.40 33.72
N HIS C 187 12.76 6.14 32.44
CA HIS C 187 12.23 6.98 31.39
C HIS C 187 10.71 6.78 31.34
N SER C 188 10.00 7.84 30.93
CA SER C 188 8.55 7.85 30.99
C SER C 188 7.92 6.71 30.20
N ASN C 189 8.64 6.14 29.24
CA ASN C 189 8.11 5.01 28.47
C ASN C 189 8.03 3.73 29.29
N GLY C 190 8.32 3.77 30.59
CA GLY C 190 8.20 2.61 31.43
C GLY C 190 9.28 1.56 31.23
N ASN C 191 10.48 1.98 30.85
CA ASN C 191 11.59 1.06 30.58
C ASN C 191 12.78 1.44 31.44
N THR C 192 13.37 0.47 32.11
CA THR C 192 14.60 0.66 32.85
C THR C 192 15.79 0.21 32.00
N TYR C 193 16.79 1.05 31.91
CA TYR C 193 17.97 0.81 31.07
C TYR C 193 19.19 0.57 31.95
N LEU C 194 19.38 -0.67 32.38
CA LEU C 194 20.60 -1.08 33.06
C LEU C 194 20.90 -2.53 32.73
N TYR C 195 22.18 -2.85 32.55
CA TYR C 195 22.64 -4.16 32.14
C TYR C 195 23.56 -4.76 33.19
N TRP C 196 23.92 -6.01 32.98
CA TRP C 196 24.86 -6.73 33.82
C TRP C 196 25.80 -7.55 32.94
N PHE C 197 27.01 -7.81 33.45
CA PHE C 197 27.99 -8.56 32.70
C PHE C 197 28.82 -9.42 33.65
N LEU C 198 29.41 -10.47 33.09
CA LEU C 198 30.29 -11.38 33.82
C LEU C 198 31.52 -11.68 32.97
N GLN C 199 32.68 -11.70 33.60
CA GLN C 199 33.94 -11.98 32.89
C GLN C 199 34.79 -12.90 33.75
N ARG C 200 34.87 -14.17 33.37
CA ARG C 200 35.76 -15.12 33.99
C ARG C 200 37.21 -14.81 33.60
N PRO C 201 38.19 -15.19 34.42
CA PRO C 201 39.56 -14.79 34.12
C PRO C 201 40.11 -15.53 32.90
N GLY C 202 40.69 -14.77 31.99
CA GLY C 202 41.12 -15.30 30.71
C GLY C 202 40.06 -15.32 29.64
N GLN C 203 38.90 -14.73 29.89
CA GLN C 203 37.79 -14.77 28.94
C GLN C 203 37.32 -13.37 28.58
N SER C 204 36.19 -13.28 27.86
CA SER C 204 35.57 -12.03 27.49
C SER C 204 34.25 -11.85 28.22
N PRO C 205 33.81 -10.62 28.45
CA PRO C 205 32.54 -10.40 29.16
C PRO C 205 31.37 -11.03 28.42
N GLN C 206 30.42 -11.54 29.20
CA GLN C 206 29.22 -12.18 28.66
C GLN C 206 27.98 -11.58 29.32
N LEU C 207 26.95 -11.36 28.51
CA LEU C 207 25.73 -10.74 29.01
C LEU C 207 24.96 -11.70 29.92
N LEU C 208 24.44 -11.16 31.02
CA LEU C 208 23.64 -11.94 31.95
C LEU C 208 22.19 -11.48 32.03
N ILE C 209 21.96 -10.20 32.33
CA ILE C 209 20.62 -9.65 32.48
C ILE C 209 20.53 -8.33 31.72
N TYR C 210 19.46 -8.15 30.96
CA TYR C 210 19.26 -6.93 30.20
C TYR C 210 17.91 -6.32 30.55
N ARG C 211 17.91 -4.98 30.66
CA ARG C 211 16.73 -4.19 30.98
C ARG C 211 16.14 -4.57 32.34
N MET C 212 17.04 -4.85 33.28
CA MET C 212 16.76 -4.88 34.72
C MET C 212 15.96 -6.11 35.17
N SER C 213 15.32 -6.81 34.24
CA SER C 213 14.57 -8.01 34.61
C SER C 213 14.84 -9.21 33.72
N ASN C 214 15.01 -9.00 32.43
CA ASN C 214 15.00 -10.09 31.46
C ASN C 214 16.34 -10.83 31.43
N LEU C 215 16.25 -12.15 31.45
CA LEU C 215 17.44 -12.99 31.34
C LEU C 215 17.83 -13.16 29.87
N ALA C 216 19.10 -13.45 29.65
CA ALA C 216 19.64 -13.62 28.31
C ALA C 216 19.53 -15.09 27.89
N SER C 217 20.07 -15.38 26.71
CA SER C 217 20.00 -16.73 26.18
C SER C 217 21.14 -17.58 26.73
N GLY C 218 20.82 -18.83 27.06
CA GLY C 218 21.82 -19.74 27.59
C GLY C 218 22.39 -19.34 28.93
N VAL C 219 21.54 -18.91 29.85
CA VAL C 219 21.94 -18.56 31.21
C VAL C 219 21.10 -19.39 32.18
N PRO C 220 21.66 -19.82 33.30
CA PRO C 220 20.88 -20.58 34.28
C PRO C 220 19.77 -19.73 34.87
N ASP C 221 18.68 -20.40 35.27
CA ASP C 221 17.56 -19.69 35.89
C ASP C 221 17.89 -19.24 37.30
N ARG C 222 19.00 -19.70 37.87
CA ARG C 222 19.35 -19.31 39.24
C ARG C 222 19.67 -17.82 39.31
N PHE C 223 20.16 -17.24 38.23
CA PHE C 223 20.43 -15.81 38.19
C PHE C 223 19.12 -15.03 38.18
N SER C 224 19.00 -14.04 39.06
CA SER C 224 17.79 -13.24 39.15
C SER C 224 18.14 -11.85 39.64
N GLY C 225 17.42 -10.85 39.11
CA GLY C 225 17.68 -9.48 39.49
C GLY C 225 16.42 -8.65 39.39
N SER C 226 16.42 -7.56 40.14
CA SER C 226 15.27 -6.65 40.23
C SER C 226 15.76 -5.35 40.85
N GLY C 227 14.82 -4.47 41.19
CA GLY C 227 15.13 -3.22 41.84
C GLY C 227 14.16 -2.14 41.41
N SER C 228 14.52 -0.90 41.73
CA SER C 228 13.69 0.26 41.39
C SER C 228 14.62 1.36 40.90
N GLY C 229 14.06 2.56 40.76
CA GLY C 229 14.88 3.69 40.33
C GLY C 229 15.97 3.99 41.34
N THR C 230 17.21 4.08 40.84
CA THR C 230 18.39 4.32 41.67
C THR C 230 18.49 3.31 42.80
N ALA C 231 18.07 2.07 42.53
CA ALA C 231 18.15 0.99 43.51
C ALA C 231 18.24 -0.32 42.72
N PHE C 232 19.44 -0.86 42.63
CA PHE C 232 19.75 -1.96 41.73
C PHE C 232 20.41 -3.08 42.52
N THR C 233 19.89 -4.30 42.39
CA THR C 233 20.44 -5.45 43.10
C THR C 233 20.30 -6.70 42.24
N LEU C 234 21.30 -7.56 42.30
CA LEU C 234 21.33 -8.82 41.57
C LEU C 234 21.36 -9.96 42.59
N THR C 235 20.30 -10.75 42.61
CA THR C 235 20.12 -11.79 43.62
C THR C 235 20.43 -13.16 43.02
N ILE C 236 21.64 -13.65 43.30
CA ILE C 236 22.02 -14.99 42.87
C ILE C 236 21.67 -15.98 43.96
N SER C 237 21.27 -17.19 43.56
CA SER C 237 20.86 -18.23 44.48
C SER C 237 21.64 -19.51 44.20
N ARG C 238 22.19 -20.12 45.25
CA ARG C 238 22.85 -21.42 45.18
C ARG C 238 24.01 -21.41 44.19
N LEU C 239 25.04 -20.64 44.56
CA LEU C 239 26.25 -20.56 43.75
C LEU C 239 26.78 -21.94 43.39
N GLU C 240 27.35 -22.05 42.19
CA GLU C 240 27.97 -23.28 41.75
C GLU C 240 29.36 -22.99 41.22
N ALA C 241 29.99 -23.99 40.59
CA ALA C 241 31.29 -23.79 39.98
C ALA C 241 31.16 -22.90 38.73
N GLU C 242 32.32 -22.47 38.22
CA GLU C 242 32.39 -21.59 37.05
C GLU C 242 31.61 -20.30 37.26
N ASP C 243 31.53 -19.83 38.50
CA ASP C 243 30.90 -18.56 38.83
C ASP C 243 31.90 -17.49 39.25
N VAL C 244 33.18 -17.85 39.45
CA VAL C 244 34.20 -16.88 39.79
C VAL C 244 34.41 -15.91 38.62
N GLY C 245 34.70 -14.66 38.97
CA GLY C 245 34.98 -13.63 38.00
C GLY C 245 34.68 -12.26 38.58
N VAL C 246 34.63 -11.26 37.70
CA VAL C 246 34.34 -9.89 38.08
C VAL C 246 33.05 -9.46 37.37
N TYR C 247 32.12 -8.90 38.14
CA TYR C 247 30.84 -8.46 37.64
C TYR C 247 30.88 -6.97 37.32
N TYR C 248 29.90 -6.50 36.54
CA TYR C 248 29.87 -5.12 36.12
C TYR C 248 28.44 -4.65 35.95
N CYS C 249 28.25 -3.34 36.08
CA CYS C 249 26.96 -2.68 35.83
C CYS C 249 27.15 -1.58 34.81
N MET C 250 26.04 -1.17 34.18
CA MET C 250 26.11 -0.33 33.00
C MET C 250 24.83 0.48 32.86
N GLN C 251 24.93 1.60 32.16
CA GLN C 251 23.79 2.43 31.81
C GLN C 251 23.66 2.58 30.29
N HIS C 252 22.44 2.87 29.84
CA HIS C 252 22.20 3.12 28.43
C HIS C 252 21.17 4.22 28.23
N LEU C 253 21.01 5.08 29.23
CA LEU C 253 19.96 6.10 29.15
C LEU C 253 20.30 7.16 28.10
N GLU C 254 21.52 7.68 28.13
CA GLU C 254 21.91 8.72 27.20
C GLU C 254 23.43 8.70 27.04
N TYR C 255 23.89 9.05 25.85
CA TYR C 255 25.32 9.03 25.58
C TYR C 255 26.03 10.13 26.37
N PRO C 256 27.27 9.89 26.83
CA PRO C 256 28.06 8.67 26.69
C PRO C 256 27.70 7.58 27.69
N LEU C 257 28.31 6.41 27.55
CA LEU C 257 28.05 5.25 28.38
C LEU C 257 29.07 5.18 29.51
N THR C 258 28.66 4.55 30.61
CA THR C 258 29.45 4.52 31.83
C THR C 258 29.52 3.08 32.35
N PHE C 259 30.66 2.74 32.97
CA PHE C 259 30.89 1.41 33.50
C PHE C 259 31.15 1.51 35.00
N GLY C 260 31.53 0.39 35.61
CA GLY C 260 31.85 0.36 37.02
C GLY C 260 33.00 -0.59 37.29
N ALA C 261 33.60 -0.43 38.48
CA ALA C 261 34.76 -1.22 38.83
C ALA C 261 34.40 -2.69 39.00
N GLY C 262 33.36 -2.98 39.77
CA GLY C 262 32.91 -4.34 39.98
C GLY C 262 33.46 -4.96 41.26
N THR C 263 32.94 -6.14 41.57
CA THR C 263 33.28 -6.87 42.79
C THR C 263 33.74 -8.28 42.42
N LYS C 264 34.74 -8.78 43.14
CA LYS C 264 35.25 -10.13 42.91
C LYS C 264 34.50 -11.10 43.83
N LEU C 265 33.50 -11.77 43.26
CA LEU C 265 32.70 -12.76 43.99
C LEU C 265 33.45 -14.09 43.95
N GLU C 266 34.27 -14.34 44.96
CA GLU C 266 35.11 -15.52 44.97
C GLU C 266 35.64 -15.79 46.37
N LEU C 267 35.77 -17.07 46.71
CA LEU C 267 36.57 -17.51 47.84
C LEU C 267 37.25 -18.83 47.46
N THR D 6 -20.71 -50.91 -3.44
CA THR D 6 -21.69 -50.19 -2.64
C THR D 6 -21.05 -49.00 -1.92
N ALA D 7 -20.06 -48.39 -2.57
CA ALA D 7 -19.41 -47.22 -2.00
C ALA D 7 -20.39 -46.06 -1.84
N SER D 8 -21.22 -45.83 -2.86
CA SER D 8 -22.26 -44.81 -2.74
C SER D 8 -23.26 -45.17 -1.65
N ILE D 9 -23.60 -46.46 -1.55
CA ILE D 9 -24.45 -46.91 -0.46
C ILE D 9 -23.76 -46.69 0.88
N ALA D 10 -22.44 -46.90 0.91
CA ALA D 10 -21.67 -46.59 2.12
C ALA D 10 -21.72 -45.10 2.43
N GLN D 11 -21.60 -44.25 1.41
CA GLN D 11 -21.65 -42.81 1.63
C GLN D 11 -23.01 -42.40 2.20
N ALA D 12 -24.09 -42.97 1.65
CA ALA D 12 -25.40 -42.78 2.27
C ALA D 12 -25.44 -43.40 3.66
N ARG D 13 -24.68 -44.49 3.85
CA ARG D 13 -24.66 -45.16 5.15
C ARG D 13 -24.07 -44.26 6.22
N LYS D 14 -22.90 -43.66 5.95
CA LYS D 14 -22.29 -42.76 6.93
C LYS D 14 -23.15 -41.54 7.18
N LEU D 15 -23.90 -41.10 6.16
CA LEU D 15 -24.78 -39.96 6.33
C LEU D 15 -25.85 -40.24 7.38
N VAL D 16 -26.40 -41.45 7.37
CA VAL D 16 -27.40 -41.82 8.37
C VAL D 16 -26.81 -41.78 9.77
N GLU D 17 -25.61 -42.35 9.93
CA GLU D 17 -24.97 -42.37 11.24
C GLU D 17 -24.59 -40.96 11.69
N GLN D 18 -24.03 -40.15 10.78
CA GLN D 18 -23.74 -38.76 11.11
C GLN D 18 -24.97 -38.06 11.68
N LEU D 19 -26.14 -38.46 11.22
CA LEU D 19 -27.37 -37.96 11.84
C LEU D 19 -27.62 -38.60 13.20
N LYS D 20 -27.11 -39.81 13.42
CA LYS D 20 -27.44 -40.50 14.67
C LYS D 20 -26.64 -39.93 15.84
N MET D 21 -25.44 -39.40 15.59
CA MET D 21 -24.84 -38.49 16.56
C MET D 21 -25.69 -37.24 16.73
N GLU D 22 -26.17 -36.67 15.63
CA GLU D 22 -26.96 -35.45 15.72
C GLU D 22 -28.34 -35.71 16.32
N ALA D 23 -28.78 -36.97 16.31
CA ALA D 23 -30.05 -37.29 16.96
C ALA D 23 -29.93 -37.23 18.48
N ASN D 24 -28.81 -37.70 19.02
CA ASN D 24 -28.61 -37.80 20.47
C ASN D 24 -27.75 -36.64 20.97
N ILE D 25 -28.38 -35.48 21.10
CA ILE D 25 -27.77 -34.31 21.73
C ILE D 25 -28.74 -33.77 22.76
N ASP D 26 -28.28 -33.61 23.99
CA ASP D 26 -29.09 -32.95 25.01
C ASP D 26 -29.11 -31.45 24.77
N ARG D 27 -30.27 -30.84 25.01
CA ARG D 27 -30.48 -29.43 24.71
C ARG D 27 -31.07 -28.72 25.91
N ILE D 28 -31.17 -27.40 25.81
CA ILE D 28 -31.75 -26.56 26.85
C ILE D 28 -32.82 -25.67 26.23
N LYS D 29 -33.38 -24.77 27.03
CA LYS D 29 -34.43 -23.87 26.58
C LYS D 29 -33.81 -22.58 26.06
N VAL D 30 -34.50 -21.94 25.11
CA VAL D 30 -33.99 -20.72 24.51
C VAL D 30 -33.89 -19.62 25.56
N SER D 31 -34.90 -19.50 26.42
CA SER D 31 -34.86 -18.49 27.47
C SER D 31 -33.68 -18.70 28.40
N LYS D 32 -33.39 -19.97 28.73
CA LYS D 32 -32.21 -20.26 29.52
C LYS D 32 -30.93 -19.88 28.77
N ALA D 33 -30.88 -20.18 27.48
CA ALA D 33 -29.71 -19.82 26.69
C ALA D 33 -29.57 -18.31 26.56
N ALA D 34 -30.69 -17.61 26.35
CA ALA D 34 -30.64 -16.16 26.27
C ALA D 34 -30.20 -15.56 27.60
N ALA D 35 -30.55 -16.21 28.71
CA ALA D 35 -30.14 -15.72 30.01
C ALA D 35 -28.62 -15.77 30.17
N ASP D 36 -27.98 -16.82 29.64
CA ASP D 36 -26.54 -16.98 29.80
C ASP D 36 -25.78 -15.86 29.09
N LEU D 37 -26.24 -15.48 27.89
CA LEU D 37 -25.49 -14.49 27.11
C LEU D 37 -25.56 -13.11 27.74
N MET D 38 -26.75 -12.64 28.11
CA MET D 38 -26.85 -11.27 28.59
C MET D 38 -26.26 -11.13 29.98
N ALA D 39 -26.24 -12.20 30.76
CA ALA D 39 -25.64 -12.15 32.09
C ALA D 39 -24.15 -11.86 32.01
N TYR D 40 -23.47 -12.45 31.01
CA TYR D 40 -22.04 -12.23 30.85
C TYR D 40 -21.74 -10.77 30.54
N CYS D 41 -22.70 -10.06 29.94
CA CYS D 41 -22.47 -8.66 29.60
C CYS D 41 -22.54 -7.77 30.83
N GLU D 42 -23.42 -8.09 31.78
CA GLU D 42 -23.51 -7.29 33.00
C GLU D 42 -22.26 -7.42 33.85
N ALA D 43 -21.64 -8.59 33.85
CA ALA D 43 -20.47 -8.82 34.70
C ALA D 43 -19.28 -7.97 34.25
N HIS D 44 -19.00 -7.94 32.95
CA HIS D 44 -17.84 -7.25 32.40
C HIS D 44 -18.19 -5.88 31.83
N ALA D 45 -19.24 -5.24 32.35
CA ALA D 45 -19.66 -3.95 31.80
C ALA D 45 -18.60 -2.88 32.04
N LYS D 46 -17.95 -2.89 33.21
CA LYS D 46 -16.99 -1.87 33.58
C LYS D 46 -15.56 -2.22 33.17
N GLU D 47 -15.38 -3.16 32.24
CA GLU D 47 -14.06 -3.55 31.79
C GLU D 47 -13.84 -3.43 30.29
N ASP D 48 -14.82 -2.96 29.52
CA ASP D 48 -14.69 -2.89 28.08
C ASP D 48 -14.50 -1.45 27.66
N PRO D 49 -13.30 -1.03 27.28
CA PRO D 49 -13.09 0.38 26.88
C PRO D 49 -13.89 0.78 25.66
N LEU D 50 -14.30 -0.16 24.81
CA LEU D 50 -15.03 0.20 23.61
C LEU D 50 -16.41 0.76 23.93
N LEU D 51 -17.07 0.22 24.95
CA LEU D 51 -18.34 0.77 25.40
C LEU D 51 -18.15 2.14 26.05
N THR D 52 -17.41 2.18 27.15
CA THR D 52 -17.21 3.40 27.92
C THR D 52 -15.83 3.98 27.61
N PRO D 53 -15.75 5.15 26.97
CA PRO D 53 -14.44 5.77 26.77
C PRO D 53 -13.71 5.96 28.09
N VAL D 54 -12.40 5.75 28.05
CA VAL D 54 -11.52 5.88 29.20
C VAL D 54 -10.80 7.22 29.07
N PRO D 55 -10.29 7.82 30.15
CA PRO D 55 -9.63 9.12 30.01
C PRO D 55 -8.29 9.01 29.30
N ALA D 56 -7.83 10.13 28.74
CA ALA D 56 -6.71 10.11 27.80
C ALA D 56 -5.40 9.77 28.49
N SER D 57 -5.34 9.89 29.82
CA SER D 57 -4.07 9.72 30.52
C SER D 57 -3.51 8.32 30.34
N GLU D 58 -4.34 7.29 30.58
CA GLU D 58 -3.85 5.92 30.46
C GLU D 58 -3.92 5.42 29.03
N ASN D 59 -4.66 6.11 28.17
CA ASN D 59 -4.82 5.71 26.78
C ASN D 59 -3.46 5.71 26.08
N PRO D 60 -2.98 4.56 25.60
CA PRO D 60 -1.63 4.50 25.01
C PRO D 60 -1.53 5.18 23.66
N PHE D 61 -2.49 4.92 22.77
CA PHE D 61 -2.43 5.51 21.44
C PHE D 61 -2.63 7.01 21.49
N ARG D 62 -3.22 7.52 22.56
CA ARG D 62 -3.47 8.95 22.72
C ARG D 62 -2.17 9.74 22.73
N GLY E 8 3.83 60.32 -31.09
CA GLY E 8 3.95 61.66 -30.56
C GLY E 8 3.05 62.66 -31.26
N CYS E 9 1.75 62.38 -31.27
CA CYS E 9 0.78 63.24 -31.92
C CYS E 9 -0.60 62.95 -31.35
N HIS E 10 -1.56 63.81 -31.70
CA HIS E 10 -2.94 63.63 -31.27
C HIS E 10 -3.49 62.31 -31.80
N VAL E 11 -4.10 61.54 -30.90
CA VAL E 11 -4.61 60.22 -31.25
C VAL E 11 -6.13 60.27 -31.36
N ASP E 12 -6.72 59.20 -31.89
CA ASP E 12 -8.16 59.08 -32.05
C ASP E 12 -8.68 58.03 -31.08
N SER E 13 -9.61 58.43 -30.22
CA SER E 13 -10.22 57.52 -29.25
C SER E 13 -11.72 57.70 -29.12
N ARG E 14 -12.34 58.55 -29.94
CA ARG E 14 -13.78 58.76 -29.84
C ARG E 14 -14.56 57.53 -30.28
N VAL E 15 -14.00 56.76 -31.22
CA VAL E 15 -14.71 55.58 -31.73
C VAL E 15 -14.84 54.52 -30.65
N ASP E 16 -13.84 54.40 -29.78
CA ASP E 16 -13.80 53.36 -28.76
C ASP E 16 -13.83 54.01 -27.38
N HIS E 17 -14.99 53.98 -26.74
CA HIS E 17 -15.14 54.56 -25.41
C HIS E 17 -15.55 53.51 -24.39
N LEU E 18 -16.62 52.77 -24.69
CA LEU E 18 -17.23 51.89 -23.71
C LEU E 18 -17.01 50.41 -24.00
N PHE E 19 -16.43 50.07 -25.15
CA PHE E 19 -16.28 48.67 -25.54
C PHE E 19 -15.38 47.96 -24.53
N PRO E 20 -14.18 48.46 -24.21
CA PRO E 20 -13.35 47.75 -23.20
C PRO E 20 -13.98 47.73 -21.82
N PRO E 21 -14.45 48.87 -21.26
CA PRO E 21 -14.97 48.80 -19.89
C PRO E 21 -16.22 47.93 -19.74
N SER E 22 -17.15 47.99 -20.68
CA SER E 22 -18.37 47.20 -20.56
C SER E 22 -18.09 45.71 -20.70
N LEU E 23 -17.18 45.35 -21.61
CA LEU E 23 -16.90 43.94 -21.85
C LEU E 23 -16.28 43.28 -20.61
N TYR E 24 -15.38 44.00 -19.93
CA TYR E 24 -14.72 43.43 -18.77
C TYR E 24 -15.71 43.08 -17.67
N ILE E 25 -16.81 43.82 -17.59
CA ILE E 25 -17.85 43.50 -16.61
C ILE E 25 -18.47 42.15 -16.91
N PHE E 26 -18.73 41.87 -18.19
CA PHE E 26 -19.28 40.59 -18.57
C PHE E 26 -18.29 39.46 -18.30
N VAL E 27 -17.01 39.70 -18.55
CA VAL E 27 -16.00 38.65 -18.42
C VAL E 27 -15.80 38.26 -16.96
N ILE E 28 -15.70 39.27 -16.08
CA ILE E 28 -15.45 38.97 -14.66
C ILE E 28 -16.63 38.24 -14.05
N GLY E 29 -17.85 38.57 -14.49
CA GLY E 29 -19.02 37.87 -13.99
C GLY E 29 -19.06 36.43 -14.43
N VAL E 30 -18.58 36.15 -15.64
CA VAL E 30 -18.60 34.80 -16.19
C VAL E 30 -17.29 34.07 -15.95
N GLY E 31 -16.16 34.78 -16.04
CA GLY E 31 -14.88 34.13 -15.93
C GLY E 31 -14.61 33.59 -14.52
N LEU E 32 -14.99 34.36 -13.50
CA LEU E 32 -14.71 33.99 -12.11
C LEU E 32 -15.30 32.64 -11.74
N PRO E 33 -16.58 32.36 -12.02
CA PRO E 33 -17.10 31.03 -11.65
C PRO E 33 -16.51 29.90 -12.47
N THR E 34 -16.32 30.11 -13.78
CA THR E 34 -15.86 29.04 -14.65
C THR E 34 -14.47 28.55 -14.24
N ASN E 35 -13.56 29.48 -13.95
CA ASN E 35 -12.22 29.07 -13.52
C ASN E 35 -12.22 28.57 -12.08
N CYS E 36 -13.16 29.03 -11.26
CA CYS E 36 -13.24 28.56 -9.88
C CYS E 36 -13.59 27.08 -9.83
N LEU E 37 -14.61 26.68 -10.59
CA LEU E 37 -14.94 25.26 -10.67
C LEU E 37 -13.86 24.49 -11.44
N ALA E 38 -13.23 25.13 -12.42
CA ALA E 38 -12.08 24.52 -13.08
C ALA E 38 -10.95 24.28 -12.10
N LEU E 39 -10.73 25.24 -11.19
CA LEU E 39 -9.77 25.04 -10.11
C LEU E 39 -10.23 23.89 -9.20
N TRP E 40 -11.53 23.82 -8.92
CA TRP E 40 -12.05 22.77 -8.05
C TRP E 40 -11.86 21.40 -8.68
N ALA E 41 -12.15 21.29 -9.98
CA ALA E 41 -11.98 20.01 -10.67
C ALA E 41 -10.51 19.63 -10.80
N ALA E 42 -9.64 20.64 -10.95
CA ALA E 42 -8.21 20.36 -11.08
C ALA E 42 -7.65 19.75 -9.81
N TYR E 43 -8.17 20.16 -8.64
CA TYR E 43 -7.71 19.61 -7.38
C TYR E 43 -8.00 18.11 -7.29
N ARG E 44 -9.20 17.71 -7.72
CA ARG E 44 -9.55 16.29 -7.67
C ARG E 44 -8.63 15.47 -8.55
N GLN E 45 -8.21 16.02 -9.69
CA GLN E 45 -7.37 15.27 -10.62
C GLN E 45 -6.05 14.88 -9.97
N VAL E 46 -5.36 15.84 -9.35
CA VAL E 46 -4.11 15.51 -8.69
C VAL E 46 -4.36 14.66 -7.45
N GLN E 47 -5.55 14.78 -6.85
CA GLN E 47 -5.88 13.91 -5.71
C GLN E 47 -5.98 12.45 -6.12
N GLN E 48 -6.25 12.19 -7.40
CA GLN E 48 -6.23 10.84 -7.94
C GLN E 48 -4.89 10.47 -8.55
N ARG E 49 -3.81 11.13 -8.12
CA ARG E 49 -2.46 10.90 -8.62
C ARG E 49 -2.33 11.17 -10.12
N ASN E 50 -3.10 12.11 -10.64
CA ASN E 50 -3.02 12.50 -12.04
C ASN E 50 -2.21 13.79 -12.16
N GLU E 51 -1.22 13.78 -13.05
CA GLU E 51 -0.35 14.94 -13.23
C GLU E 51 -1.12 16.14 -13.75
N LEU E 52 -2.03 15.92 -14.70
CA LEU E 52 -2.61 17.04 -15.44
C LEU E 52 -3.44 17.94 -14.54
N GLY E 53 -3.78 17.48 -13.33
CA GLY E 53 -4.46 18.34 -12.38
C GLY E 53 -3.58 19.50 -11.92
N VAL E 54 -2.27 19.27 -11.82
CA VAL E 54 -1.35 20.32 -11.41
C VAL E 54 -1.33 21.45 -12.44
N TYR E 55 -1.13 21.09 -13.71
CA TYR E 55 -1.04 22.09 -14.77
C TYR E 55 -2.36 22.82 -14.94
N LEU E 56 -3.48 22.10 -14.78
CA LEU E 56 -4.79 22.75 -14.79
C LEU E 56 -4.94 23.69 -13.60
N MET E 57 -4.42 23.30 -12.44
CA MET E 57 -4.57 24.10 -11.23
C MET E 57 -3.88 25.46 -11.39
N ASN E 58 -2.67 25.47 -11.95
CA ASN E 58 -1.94 26.73 -12.11
C ASN E 58 -2.69 27.68 -13.04
N LEU E 59 -3.24 27.16 -14.14
CA LEU E 59 -3.90 28.01 -15.11
C LEU E 59 -5.14 28.68 -14.52
N SER E 60 -5.86 27.96 -13.65
CA SER E 60 -7.08 28.50 -13.07
C SER E 60 -6.78 29.70 -12.19
N ILE E 61 -5.73 29.62 -11.36
CA ILE E 61 -5.42 30.70 -10.42
C ILE E 61 -4.99 31.95 -11.18
N ALA E 62 -4.15 31.78 -12.20
CA ALA E 62 -3.63 32.93 -12.94
C ALA E 62 -4.76 33.67 -13.66
N ASP E 63 -5.72 32.93 -14.21
CA ASP E 63 -6.82 33.56 -14.92
C ASP E 63 -7.68 34.41 -13.98
N LEU E 64 -7.91 33.92 -12.76
CA LEU E 64 -8.69 34.67 -11.79
C LEU E 64 -7.98 35.95 -11.40
N LEU E 65 -6.65 35.91 -11.28
CA LEU E 65 -5.89 37.11 -10.90
C LEU E 65 -6.07 38.22 -11.93
N TYR E 66 -6.00 37.87 -13.22
CA TYR E 66 -6.29 38.84 -14.26
C TYR E 66 -7.72 39.34 -14.17
N ILE E 67 -8.65 38.43 -13.84
CA ILE E 67 -10.05 38.82 -13.66
C ILE E 67 -10.18 39.79 -12.48
N CYS E 68 -9.44 39.54 -11.40
CA CYS E 68 -9.53 40.40 -10.22
C CYS E 68 -8.93 41.77 -10.47
N THR E 69 -7.97 41.87 -11.39
CA THR E 69 -7.37 43.16 -11.71
C THR E 69 -8.21 43.96 -12.71
N LEU E 70 -9.20 43.34 -13.35
CA LEU E 70 -10.06 44.06 -14.29
C LEU E 70 -10.95 45.13 -13.63
N PRO E 71 -11.66 44.86 -12.52
CA PRO E 71 -12.60 45.88 -12.00
C PRO E 71 -11.91 47.20 -11.71
N LEU E 72 -10.62 47.14 -11.40
CA LEU E 72 -9.86 48.35 -11.17
C LEU E 72 -9.39 48.99 -12.47
N TRP E 73 -9.07 48.19 -13.48
CA TRP E 73 -8.71 48.76 -14.78
C TRP E 73 -9.90 49.39 -15.49
N VAL E 74 -11.11 48.85 -15.32
CA VAL E 74 -12.25 49.49 -15.96
C VAL E 74 -12.44 50.89 -15.38
N ASP E 75 -12.01 51.10 -14.14
CA ASP E 75 -12.02 52.44 -13.57
C ASP E 75 -11.12 53.39 -14.35
N TYR E 76 -10.04 52.86 -14.95
CA TYR E 76 -9.23 53.65 -15.88
C TYR E 76 -10.03 54.03 -17.13
N PHE E 77 -11.12 53.31 -17.42
CA PHE E 77 -12.03 53.68 -18.50
C PHE E 77 -13.38 54.18 -18.02
N LEU E 78 -13.70 54.04 -16.73
CA LEU E 78 -14.95 54.54 -16.17
C LEU E 78 -14.78 55.88 -15.46
N HIS E 79 -13.91 55.94 -14.46
CA HIS E 79 -13.65 57.19 -13.77
C HIS E 79 -13.09 58.25 -14.71
N HIS E 80 -12.50 57.86 -15.83
CA HIS E 80 -11.82 58.77 -16.74
C HIS E 80 -10.78 59.60 -16.00
N ASP E 81 -10.09 58.95 -15.05
CA ASP E 81 -9.10 59.62 -14.23
C ASP E 81 -7.70 59.61 -14.85
N ASN E 82 -7.52 58.90 -15.96
CA ASN E 82 -6.23 58.82 -16.65
C ASN E 82 -5.14 58.34 -15.71
N TRP E 83 -5.48 57.34 -14.89
CA TRP E 83 -4.60 56.79 -13.88
C TRP E 83 -4.14 57.87 -12.90
N ILE E 84 -5.11 58.44 -12.19
CA ILE E 84 -4.84 59.42 -11.15
C ILE E 84 -4.62 58.78 -9.79
N HIS E 85 -4.75 57.44 -9.69
CA HIS E 85 -4.61 56.78 -8.41
C HIS E 85 -3.22 56.99 -7.82
N GLY E 86 -2.18 56.88 -8.64
CA GLY E 86 -0.83 57.12 -8.18
C GLY E 86 0.18 56.17 -8.78
N PRO E 87 1.47 56.45 -8.56
CA PRO E 87 2.52 55.59 -9.13
C PRO E 87 2.49 54.17 -8.61
N GLY E 88 1.93 53.96 -7.41
CA GLY E 88 1.93 52.62 -6.84
C GLY E 88 1.17 51.62 -7.69
N SER E 89 -0.01 52.01 -8.15
CA SER E 89 -0.81 51.11 -8.98
C SER E 89 -0.17 50.92 -10.36
N CYS E 90 0.45 51.97 -10.90
CA CYS E 90 0.94 51.91 -12.28
C CYS E 90 2.08 50.91 -12.41
N LYS E 91 2.96 50.86 -11.43
CA LYS E 91 4.06 49.90 -11.47
C LYS E 91 3.68 48.54 -10.91
N LEU E 92 2.49 48.38 -10.35
CA LEU E 92 2.07 47.09 -9.80
C LEU E 92 1.04 46.47 -10.72
N PHE E 93 -0.02 47.21 -11.06
CA PHE E 93 -1.16 46.59 -11.71
C PHE E 93 -0.99 46.57 -13.23
N GLY E 94 -0.25 47.53 -13.77
CA GLY E 94 0.14 47.45 -15.17
C GLY E 94 1.03 46.25 -15.45
N PHE E 95 1.86 45.88 -14.48
CA PHE E 95 2.67 44.67 -14.61
C PHE E 95 1.79 43.44 -14.77
N ILE E 96 0.77 43.30 -13.93
CA ILE E 96 -0.07 42.10 -13.96
C ILE E 96 -0.87 42.04 -15.25
N PHE E 97 -1.30 43.21 -15.76
CA PHE E 97 -2.16 43.23 -16.94
C PHE E 97 -1.43 42.72 -18.18
N TYR E 98 -0.15 43.04 -18.31
CA TYR E 98 0.62 42.74 -19.52
C TYR E 98 1.63 41.62 -19.30
N THR E 99 1.47 40.81 -18.27
CA THR E 99 2.44 39.73 -18.04
C THR E 99 1.79 38.36 -17.90
N ASN E 100 0.67 38.28 -17.20
CA ASN E 100 0.13 36.97 -16.84
C ASN E 100 -0.56 36.29 -18.01
N ILE E 101 -1.04 37.08 -18.98
CA ILE E 101 -1.62 36.51 -20.19
C ILE E 101 -0.59 35.65 -20.91
N TYR E 102 0.68 36.00 -20.75
CA TYR E 102 1.75 35.30 -21.46
C TYR E 102 2.30 34.15 -20.64
N ILE E 103 2.09 34.20 -19.32
CA ILE E 103 2.32 33.02 -18.49
C ILE E 103 1.21 32.00 -18.72
N SER E 104 -0.01 32.48 -19.00
CA SER E 104 -1.14 31.59 -19.21
C SER E 104 -0.93 30.70 -20.43
N ILE E 105 -0.33 31.26 -21.48
CA ILE E 105 -0.07 30.49 -22.70
C ILE E 105 0.90 29.36 -22.40
N ALA E 106 1.82 29.57 -21.46
CA ALA E 106 2.86 28.58 -21.19
C ALA E 106 2.25 27.27 -20.69
N PHE E 107 1.26 27.35 -19.81
CA PHE E 107 0.63 26.14 -19.29
C PHE E 107 -0.13 25.39 -20.37
N LEU E 108 -0.77 26.11 -21.28
CA LEU E 108 -1.45 25.46 -22.40
C LEU E 108 -0.45 24.69 -23.25
N CYS E 109 0.79 25.17 -23.31
CA CYS E 109 1.85 24.40 -23.95
C CYS E 109 2.28 23.22 -23.09
N CYS E 110 2.29 23.40 -21.77
CA CYS E 110 2.74 22.33 -20.88
C CYS E 110 1.80 21.13 -20.93
N ILE E 111 0.49 21.39 -20.99
CA ILE E 111 -0.47 20.31 -21.09
C ILE E 111 -0.32 19.58 -22.42
N SER E 112 -0.08 20.32 -23.51
CA SER E 112 0.03 19.71 -24.82
C SER E 112 1.22 18.75 -24.89
N VAL E 113 2.35 19.15 -24.32
CA VAL E 113 3.53 18.27 -24.33
C VAL E 113 3.28 17.04 -23.47
N ASP E 114 2.60 17.22 -22.33
CA ASP E 114 2.28 16.09 -21.46
C ASP E 114 1.39 15.07 -22.17
N ARG E 115 0.38 15.55 -22.90
CA ARG E 115 -0.55 14.63 -23.57
C ARG E 115 0.16 13.88 -24.68
N TYR E 116 1.14 14.50 -25.33
CA TYR E 116 1.90 13.81 -26.36
C TYR E 116 2.78 12.71 -25.75
N LEU E 117 3.12 12.83 -24.48
CA LEU E 117 3.94 11.83 -23.81
C LEU E 117 3.14 10.67 -23.24
N ALA E 118 1.81 10.67 -23.42
CA ALA E 118 0.97 9.58 -22.96
C ALA E 118 0.32 8.85 -24.12
N VAL E 119 -0.31 9.56 -25.05
CA VAL E 119 -0.97 8.92 -26.18
C VAL E 119 0.05 8.34 -27.14
N ALA E 120 1.11 9.10 -27.45
CA ALA E 120 2.09 8.63 -28.42
C ALA E 120 2.97 7.53 -27.84
N HIS E 121 3.46 7.72 -26.61
CA HIS E 121 4.34 6.76 -25.96
C HIS E 121 3.89 6.53 -24.52
N PRO E 122 3.05 5.53 -24.27
CA PRO E 122 2.50 5.32 -22.91
C PRO E 122 3.34 4.40 -22.02
N LEU E 123 4.56 4.05 -22.40
CA LEU E 123 5.36 3.10 -21.64
C LEU E 123 6.77 3.64 -21.37
N ARG E 124 6.95 4.95 -21.44
CA ARG E 124 8.26 5.56 -21.20
C ARG E 124 8.05 6.85 -20.42
N PHE E 125 9.17 7.50 -20.07
CA PHE E 125 9.17 8.79 -19.40
C PHE E 125 8.39 8.73 -18.09
N ALA E 126 8.62 7.65 -17.32
CA ALA E 126 7.95 7.50 -16.03
C ALA E 126 8.39 8.59 -15.07
N ARG E 127 9.69 8.89 -15.03
CA ARG E 127 10.18 9.93 -14.12
C ARG E 127 9.71 11.31 -14.54
N LEU E 128 9.63 11.57 -15.84
CA LEU E 128 9.15 12.87 -16.31
C LEU E 128 7.67 13.05 -16.00
N ARG E 129 6.93 11.95 -15.84
CA ARG E 129 5.52 12.03 -15.52
C ARG E 129 5.22 11.89 -14.03
N ARG E 130 6.24 11.91 -13.18
CA ARG E 130 6.01 11.96 -11.74
C ARG E 130 5.42 13.31 -11.35
N VAL E 131 4.59 13.31 -10.32
CA VAL E 131 4.00 14.55 -9.83
C VAL E 131 5.08 15.44 -9.22
N LYS E 132 6.07 14.82 -8.56
CA LYS E 132 7.14 15.59 -7.96
C LYS E 132 7.92 16.37 -9.00
N THR E 133 8.19 15.75 -10.15
CA THR E 133 8.87 16.45 -11.24
C THR E 133 7.98 17.54 -11.81
N ALA E 134 6.67 17.30 -11.87
CA ALA E 134 5.76 18.27 -12.48
C ALA E 134 5.77 19.59 -11.73
N VAL E 135 5.79 19.53 -10.39
CA VAL E 135 5.83 20.75 -9.60
C VAL E 135 7.16 21.46 -9.80
N ALA E 136 8.25 20.71 -9.97
CA ALA E 136 9.56 21.31 -10.17
C ALA E 136 9.60 22.16 -11.43
N VAL E 137 9.09 21.62 -12.54
CA VAL E 137 9.06 22.39 -13.79
C VAL E 137 8.05 23.52 -13.69
N SER E 138 6.97 23.31 -12.93
CA SER E 138 5.97 24.36 -12.76
C SER E 138 6.56 25.59 -12.09
N SER E 139 7.42 25.38 -11.09
CA SER E 139 8.08 26.52 -10.43
C SER E 139 9.03 27.23 -11.39
N VAL E 140 9.76 26.46 -12.20
CA VAL E 140 10.72 27.05 -13.13
C VAL E 140 10.01 27.94 -14.14
N VAL E 141 8.89 27.46 -14.68
CA VAL E 141 8.12 28.24 -15.64
C VAL E 141 7.60 29.51 -14.99
N TRP E 142 7.09 29.39 -13.76
CA TRP E 142 6.59 30.56 -13.03
C TRP E 142 7.68 31.61 -12.86
N ALA E 143 8.85 31.20 -12.35
CA ALA E 143 9.90 32.14 -12.05
C ALA E 143 10.44 32.81 -13.31
N THR E 144 10.61 32.03 -14.38
CA THR E 144 11.21 32.56 -15.60
C THR E 144 10.34 33.64 -16.24
N GLU E 145 9.02 33.42 -16.26
CA GLU E 145 8.12 34.38 -16.88
C GLU E 145 8.15 35.71 -16.14
N LEU E 146 8.17 35.68 -14.80
CA LEU E 146 8.21 36.91 -14.04
C LEU E 146 9.49 37.69 -14.30
N GLY E 147 10.63 36.99 -14.34
CA GLY E 147 11.90 37.67 -14.50
C GLY E 147 12.05 38.38 -15.83
N ALA E 148 11.59 37.75 -16.91
CA ALA E 148 11.74 38.34 -18.24
C ALA E 148 10.94 39.63 -18.37
N ASN E 149 9.74 39.66 -17.81
CA ASN E 149 8.87 40.82 -17.88
C ASN E 149 8.97 41.72 -16.66
N SER E 150 9.91 41.46 -15.75
CA SER E 150 10.02 42.26 -14.55
C SER E 150 10.60 43.65 -14.84
N ALA E 151 11.43 43.76 -15.88
CA ALA E 151 12.15 44.98 -16.19
C ALA E 151 11.27 46.22 -16.29
N PRO E 152 10.13 46.18 -16.99
CA PRO E 152 9.30 47.40 -17.09
C PRO E 152 8.83 47.97 -15.75
N LEU E 153 8.58 47.14 -14.75
CA LEU E 153 8.00 47.64 -13.50
C LEU E 153 9.00 48.46 -12.71
N PHE E 154 10.30 48.13 -12.83
CA PHE E 154 11.31 48.88 -12.08
C PHE E 154 11.36 50.34 -12.54
N HIS E 155 11.28 50.57 -13.84
CA HIS E 155 11.30 51.92 -14.38
C HIS E 155 9.90 52.52 -14.34
N ASP E 156 9.76 53.69 -13.72
CA ASP E 156 8.46 54.33 -13.60
C ASP E 156 7.93 54.74 -14.96
N GLU E 157 6.62 54.54 -15.16
CA GLU E 157 5.96 54.85 -16.43
C GLU E 157 4.74 55.72 -16.14
N LEU E 158 4.94 57.03 -16.08
CA LEU E 158 3.86 57.99 -15.90
C LEU E 158 4.19 59.23 -16.72
N PHE E 159 3.37 59.51 -17.74
CA PHE E 159 3.64 60.58 -18.68
C PHE E 159 2.37 61.37 -18.92
N ARG E 160 2.48 62.70 -18.83
CA ARG E 160 1.33 63.58 -18.99
C ARG E 160 1.00 63.76 -20.46
N ASP E 161 -0.29 63.90 -20.75
CA ASP E 161 -0.81 64.09 -22.09
C ASP E 161 -1.36 65.50 -22.24
N ARG E 162 -1.97 65.76 -23.40
CA ARG E 162 -2.37 67.12 -23.74
C ARG E 162 -3.57 67.58 -22.91
N TYR E 163 -4.58 66.73 -22.75
CA TYR E 163 -5.70 67.07 -21.87
C TYR E 163 -5.51 66.58 -20.45
N ASN E 164 -4.37 66.89 -19.84
CA ASN E 164 -4.03 66.45 -18.48
C ASN E 164 -4.15 64.94 -18.31
N HIS E 165 -4.14 64.19 -19.40
CA HIS E 165 -4.24 62.74 -19.32
C HIS E 165 -2.89 62.14 -18.99
N THR E 166 -2.91 60.86 -18.61
CA THR E 166 -1.70 60.12 -18.27
C THR E 166 -1.91 58.66 -18.63
N PHE E 167 -1.00 58.10 -19.41
CA PHE E 167 -1.08 56.70 -19.81
C PHE E 167 -0.18 55.87 -18.91
N CYS E 168 -0.76 54.82 -18.31
CA CYS E 168 -0.04 53.88 -17.48
C CYS E 168 0.62 52.82 -18.33
N PHE E 169 1.92 52.62 -18.12
CA PHE E 169 2.72 51.60 -18.81
C PHE E 169 2.71 51.78 -20.33
N GLU E 170 2.20 52.91 -20.81
CA GLU E 170 2.05 53.17 -22.24
C GLU E 170 2.35 54.64 -22.51
N LYS E 171 2.67 54.91 -23.77
CA LYS E 171 2.97 56.26 -24.25
C LYS E 171 2.92 56.19 -25.77
N PHE E 172 2.43 57.25 -26.41
CA PHE E 172 2.26 57.20 -27.86
C PHE E 172 3.09 58.29 -28.53
N PRO E 173 4.20 58.66 -27.93
CA PRO E 173 5.50 58.48 -28.58
C PRO E 173 6.11 57.21 -28.01
N MET E 174 6.69 56.40 -28.89
CA MET E 174 7.24 55.12 -28.45
C MET E 174 8.63 55.31 -27.85
N GLU E 175 8.67 56.13 -26.79
CA GLU E 175 9.91 56.43 -26.09
C GLU E 175 10.30 55.28 -25.18
N GLY E 176 11.59 55.10 -25.01
CA GLY E 176 12.14 54.07 -24.13
C GLY E 176 12.46 52.80 -24.91
N TRP E 177 12.91 51.81 -24.15
CA TRP E 177 13.28 50.50 -24.68
C TRP E 177 12.08 49.57 -24.85
N VAL E 178 10.87 50.10 -24.74
CA VAL E 178 9.68 49.25 -24.84
C VAL E 178 9.56 48.67 -26.25
N ALA E 179 9.95 49.45 -27.26
CA ALA E 179 9.78 49.01 -28.64
C ALA E 179 10.54 47.72 -28.93
N TRP E 180 11.79 47.65 -28.47
CA TRP E 180 12.58 46.43 -28.67
C TRP E 180 12.03 45.27 -27.84
N MET E 181 11.62 45.55 -26.60
CA MET E 181 11.13 44.48 -25.74
C MET E 181 9.78 43.96 -26.21
N ASN E 182 8.97 44.83 -26.83
CA ASN E 182 7.74 44.38 -27.46
C ASN E 182 8.00 43.34 -28.54
N LEU E 183 9.14 43.46 -29.24
CA LEU E 183 9.50 42.46 -30.23
C LEU E 183 9.69 41.09 -29.57
N TYR E 184 10.30 41.08 -28.39
CA TYR E 184 10.43 39.83 -27.64
C TYR E 184 9.08 39.32 -27.17
N ARG E 185 8.17 40.24 -26.83
CA ARG E 185 6.90 39.80 -26.25
C ARG E 185 5.99 39.16 -27.29
N VAL E 186 6.27 39.38 -28.57
CA VAL E 186 5.42 38.89 -29.65
C VAL E 186 6.05 37.71 -30.38
N PHE E 187 7.31 37.86 -30.79
CA PHE E 187 7.97 36.79 -31.53
C PHE E 187 8.17 35.55 -30.67
N VAL E 188 8.54 35.73 -29.41
CA VAL E 188 8.89 34.60 -28.54
C VAL E 188 7.70 34.24 -27.66
N GLY E 189 7.02 35.24 -27.11
CA GLY E 189 5.95 34.99 -26.16
C GLY E 189 4.64 34.55 -26.78
N PHE E 190 4.52 34.63 -28.10
CA PHE E 190 3.30 34.22 -28.78
C PHE E 190 3.54 33.06 -29.74
N LEU E 191 4.45 33.25 -30.70
CA LEU E 191 4.56 32.31 -31.81
C LEU E 191 5.14 30.98 -31.36
N PHE E 192 6.21 31.02 -30.56
CA PHE E 192 6.89 29.79 -30.14
C PHE E 192 5.99 28.87 -29.34
N PRO E 193 5.29 29.31 -28.28
CA PRO E 193 4.40 28.36 -27.59
C PRO E 193 3.24 27.89 -28.46
N TRP E 194 2.74 28.75 -29.34
CA TRP E 194 1.67 28.34 -30.23
C TRP E 194 2.18 27.36 -31.29
N ALA E 195 3.45 27.49 -31.65
CA ALA E 195 4.06 26.53 -32.57
C ALA E 195 4.10 25.13 -31.96
N LEU E 196 4.45 25.05 -30.68
CA LEU E 196 4.50 23.76 -30.01
C LEU E 196 3.12 23.14 -29.88
N MET E 197 2.08 23.98 -29.76
CA MET E 197 0.73 23.47 -29.68
C MET E 197 0.33 22.77 -30.97
N LEU E 198 0.71 23.34 -32.11
CA LEU E 198 0.30 22.77 -33.39
C LEU E 198 1.03 21.47 -33.68
N LEU E 199 2.33 21.42 -33.41
CA LEU E 199 3.09 20.20 -33.65
C LEU E 199 2.63 19.09 -32.71
N SER E 200 2.32 19.44 -31.46
CA SER E 200 1.94 18.42 -30.48
C SER E 200 0.58 17.80 -30.80
N TYR E 201 -0.42 18.63 -31.07
CA TYR E 201 -1.77 18.12 -31.25
C TYR E 201 -1.96 17.43 -32.60
N ARG E 202 -1.07 17.71 -33.56
CA ARG E 202 -1.13 16.98 -34.82
C ARG E 202 -0.61 15.55 -34.65
N GLY E 203 0.38 15.36 -33.78
CA GLY E 203 0.93 14.03 -33.58
C GLY E 203 -0.05 13.07 -32.93
N ILE E 204 -0.84 13.56 -31.98
CA ILE E 204 -1.80 12.69 -31.29
C ILE E 204 -2.88 12.21 -32.24
N LEU E 205 -3.29 13.06 -33.20
CA LEU E 205 -4.29 12.64 -34.18
C LEU E 205 -3.71 11.61 -35.13
N ARG E 206 -2.42 11.69 -35.42
CA ARG E 206 -1.77 10.69 -36.26
C ARG E 206 -1.79 9.32 -35.59
N ALA E 207 -1.56 9.28 -34.27
CA ALA E 207 -1.53 8.01 -33.55
C ALA E 207 -2.92 7.39 -33.47
N VAL E 208 -3.95 8.20 -33.24
CA VAL E 208 -5.30 7.67 -33.11
C VAL E 208 -5.77 7.04 -34.42
N ARG E 209 -5.31 7.56 -35.56
CA ARG E 209 -5.68 6.96 -36.83
C ARG E 209 -5.16 5.52 -36.93
N GLY E 210 -4.00 5.24 -36.36
CA GLY E 210 -3.48 3.89 -36.32
C GLY E 210 -4.08 3.00 -35.26
N SER E 211 -4.90 3.56 -34.37
CA SER E 211 -5.49 2.79 -33.29
C SER E 211 -6.62 1.91 -33.80
N VAL E 212 -6.78 0.75 -33.15
CA VAL E 212 -7.81 -0.20 -33.53
C VAL E 212 -8.97 -0.22 -32.55
N SER E 213 -8.71 -0.18 -31.24
CA SER E 213 -9.80 -0.18 -30.26
C SER E 213 -10.69 1.04 -30.40
N THR E 214 -10.17 2.14 -30.94
CA THR E 214 -11.00 3.31 -31.10
C THR E 214 -12.07 3.08 -32.16
N GLU E 215 -13.24 3.66 -31.92
CA GLU E 215 -14.38 3.55 -32.82
C GLU E 215 -14.56 4.87 -33.57
N ARG E 216 -15.62 4.93 -34.37
CA ARG E 216 -15.87 6.11 -35.18
C ARG E 216 -16.27 7.29 -34.30
N GLN E 217 -17.08 7.02 -33.27
CA GLN E 217 -17.60 8.08 -32.42
C GLN E 217 -16.49 8.79 -31.65
N GLU E 218 -15.57 8.02 -31.08
CA GLU E 218 -14.50 8.62 -30.30
C GLU E 218 -13.49 9.34 -31.21
N LYS E 219 -13.27 8.82 -32.42
CA LYS E 219 -12.34 9.47 -33.35
C LYS E 219 -12.85 10.83 -33.78
N ALA E 220 -14.17 10.97 -33.98
CA ALA E 220 -14.72 12.26 -34.38
C ALA E 220 -14.52 13.30 -33.29
N LYS E 221 -14.70 12.91 -32.02
CA LYS E 221 -14.62 13.88 -30.94
C LYS E 221 -13.22 14.45 -30.77
N ILE E 222 -12.20 13.60 -30.85
CA ILE E 222 -10.83 14.07 -30.62
C ILE E 222 -10.40 15.03 -31.74
N LYS E 223 -10.85 14.77 -32.97
CA LYS E 223 -10.57 15.69 -34.06
C LYS E 223 -11.24 17.04 -33.82
N ARG E 224 -12.46 17.04 -33.29
CA ARG E 224 -13.16 18.28 -33.00
C ARG E 224 -12.40 19.10 -31.96
N LEU E 225 -11.91 18.44 -30.90
CA LEU E 225 -11.26 19.16 -29.82
C LEU E 225 -9.88 19.68 -30.25
N ALA E 226 -9.15 18.89 -31.04
CA ALA E 226 -7.80 19.28 -31.42
C ALA E 226 -7.80 20.56 -32.23
N LEU E 227 -8.70 20.66 -33.22
CA LEU E 227 -8.77 21.87 -34.02
C LEU E 227 -9.43 23.01 -33.24
N SER E 228 -10.26 22.67 -32.27
CA SER E 228 -10.86 23.70 -31.42
C SER E 228 -9.79 24.43 -30.60
N LEU E 229 -8.83 23.68 -30.05
CA LEU E 229 -7.81 24.28 -29.19
C LEU E 229 -6.78 25.05 -30.00
N ILE E 230 -6.58 24.67 -31.26
CA ILE E 230 -5.53 25.27 -32.08
C ILE E 230 -6.07 26.47 -32.85
N ALA E 231 -7.39 26.70 -32.77
CA ALA E 231 -8.01 27.83 -33.44
C ALA E 231 -8.42 28.93 -32.47
N ILE E 232 -8.89 28.56 -31.27
CA ILE E 232 -9.35 29.56 -30.32
C ILE E 232 -8.18 30.41 -29.82
N VAL E 233 -7.00 29.82 -29.74
CA VAL E 233 -5.82 30.56 -29.29
C VAL E 233 -5.49 31.68 -30.27
N LEU E 234 -5.55 31.37 -31.57
CA LEU E 234 -5.22 32.38 -32.57
C LEU E 234 -6.29 33.47 -32.64
N VAL E 235 -7.55 33.11 -32.39
CA VAL E 235 -8.63 34.09 -32.51
C VAL E 235 -8.48 35.20 -31.47
N CYS E 236 -8.19 34.85 -30.23
CA CYS E 236 -8.16 35.81 -29.14
C CYS E 236 -6.83 36.55 -29.01
N PHE E 237 -5.82 36.18 -29.78
CA PHE E 237 -4.51 36.80 -29.61
C PHE E 237 -3.98 37.48 -30.86
N ALA E 238 -4.13 36.85 -32.02
CA ALA E 238 -3.48 37.29 -33.25
C ALA E 238 -3.82 38.73 -33.66
N PRO E 239 -5.08 39.16 -33.64
CA PRO E 239 -5.37 40.55 -34.04
C PRO E 239 -4.64 41.59 -33.22
N TYR E 240 -4.47 41.35 -31.91
CA TYR E 240 -3.77 42.31 -31.07
C TYR E 240 -2.29 42.38 -31.42
N HIS E 241 -1.63 41.24 -31.53
CA HIS E 241 -0.19 41.22 -31.73
C HIS E 241 0.19 41.62 -33.15
N VAL E 242 -0.72 41.44 -34.11
CA VAL E 242 -0.44 41.87 -35.48
C VAL E 242 -0.33 43.39 -35.54
N LEU E 243 -1.29 44.08 -34.93
CA LEU E 243 -1.23 45.54 -34.88
C LEU E 243 -0.07 46.01 -34.01
N LEU E 244 0.24 45.27 -32.93
CA LEU E 244 1.29 45.67 -32.03
C LEU E 244 2.64 45.71 -32.73
N LEU E 245 2.91 44.72 -33.59
CA LEU E 245 4.12 44.76 -34.40
C LEU E 245 4.08 45.92 -35.39
N SER E 246 2.90 46.18 -35.96
CA SER E 246 2.78 47.25 -36.94
C SER E 246 3.03 48.62 -36.32
N ARG E 247 2.40 48.88 -35.17
CA ARG E 247 2.59 50.17 -34.51
C ARG E 247 4.01 50.31 -33.99
N SER E 248 4.63 49.21 -33.59
CA SER E 248 6.05 49.25 -33.21
C SER E 248 6.93 49.48 -34.42
N ALA E 249 6.54 48.94 -35.57
CA ALA E 249 7.35 49.10 -36.78
C ALA E 249 7.44 50.55 -37.22
N ILE E 250 6.41 51.35 -36.90
CA ILE E 250 6.42 52.76 -37.27
C ILE E 250 7.57 53.48 -36.55
N TYR E 251 7.64 53.31 -35.24
CA TYR E 251 8.68 53.98 -34.47
C TYR E 251 10.06 53.44 -34.81
N LEU E 252 10.17 52.13 -34.99
CA LEU E 252 11.46 51.53 -35.34
C LEU E 252 11.92 52.00 -36.71
N GLY E 253 11.01 52.08 -37.67
CA GLY E 253 11.37 52.48 -39.02
C GLY E 253 11.36 53.97 -39.27
N ARG E 254 10.22 54.61 -39.07
CA ARG E 254 10.04 56.04 -39.37
C ARG E 254 9.40 56.74 -38.16
N PRO E 255 10.20 57.25 -37.22
CA PRO E 255 9.61 57.97 -36.09
C PRO E 255 8.82 59.20 -36.50
N TRP E 256 9.12 59.77 -37.67
CA TRP E 256 8.41 60.97 -38.12
C TRP E 256 6.93 60.67 -38.36
N ASP E 257 6.64 59.53 -38.99
CA ASP E 257 5.26 59.17 -39.26
C ASP E 257 4.51 58.89 -37.96
N CYS E 258 3.33 59.50 -37.82
CA CYS E 258 2.52 59.34 -36.62
C CYS E 258 1.05 59.10 -36.91
N GLY E 259 0.58 59.27 -38.14
CA GLY E 259 -0.82 59.07 -38.43
C GLY E 259 -1.27 57.64 -38.20
N PHE E 260 -0.49 56.67 -38.69
CA PHE E 260 -0.82 55.28 -38.45
C PHE E 260 -0.70 54.94 -36.98
N GLU E 261 0.18 55.63 -36.26
CA GLU E 261 0.23 55.49 -34.81
C GLU E 261 -1.05 56.02 -34.17
N GLU E 262 -1.64 57.06 -34.77
CA GLU E 262 -2.89 57.59 -34.26
C GLU E 262 -4.04 56.60 -34.45
N ARG E 263 -4.12 55.97 -35.61
CA ARG E 263 -5.24 55.08 -35.90
C ARG E 263 -5.17 53.81 -35.05
N VAL E 264 -3.97 53.25 -34.89
CA VAL E 264 -3.85 52.01 -34.10
C VAL E 264 -4.20 52.26 -32.65
N PHE E 265 -4.12 53.51 -32.19
CA PHE E 265 -4.54 53.83 -30.83
C PHE E 265 -6.01 53.49 -30.63
N SER E 266 -6.83 53.68 -31.67
CA SER E 266 -8.22 53.29 -31.59
C SER E 266 -8.35 51.77 -31.46
N ALA E 267 -7.63 51.03 -32.30
CA ALA E 267 -7.76 49.57 -32.31
C ALA E 267 -7.04 48.94 -31.13
N TYR E 268 -5.94 49.54 -30.66
CA TYR E 268 -5.16 48.92 -29.59
C TYR E 268 -5.99 48.75 -28.33
N HIS E 269 -6.77 49.77 -27.97
CA HIS E 269 -7.68 49.63 -26.84
C HIS E 269 -8.82 48.68 -27.17
N SER E 270 -9.23 48.65 -28.44
CA SER E 270 -10.27 47.70 -28.86
C SER E 270 -9.74 46.27 -28.86
N SER E 271 -8.51 46.08 -29.36
CA SER E 271 -7.95 44.74 -29.45
C SER E 271 -7.57 44.20 -28.09
N LEU E 272 -7.18 45.08 -27.16
CA LEU E 272 -6.78 44.64 -25.83
C LEU E 272 -7.94 43.99 -25.09
N ALA E 273 -9.14 44.57 -25.22
CA ALA E 273 -10.31 44.02 -24.56
C ALA E 273 -10.67 42.64 -25.11
N PHE E 274 -10.55 42.47 -26.42
CA PHE E 274 -10.92 41.20 -27.06
C PHE E 274 -10.02 40.06 -26.57
N THR E 275 -8.77 40.38 -26.22
CA THR E 275 -7.85 39.37 -25.73
C THR E 275 -8.33 38.76 -24.41
N SER E 276 -9.06 39.53 -23.60
CA SER E 276 -9.51 39.03 -22.31
C SER E 276 -10.55 37.92 -22.44
N LEU E 277 -11.09 37.71 -23.64
CA LEU E 277 -12.04 36.60 -23.84
C LEU E 277 -11.35 35.25 -23.70
N ASN E 278 -10.04 35.18 -23.89
CA ASN E 278 -9.32 33.93 -23.71
C ASN E 278 -9.29 33.50 -22.26
N CYS E 279 -9.58 34.41 -21.32
CA CYS E 279 -9.68 34.02 -19.92
C CYS E 279 -10.90 33.16 -19.65
N VAL E 280 -11.87 33.14 -20.57
CA VAL E 280 -13.02 32.26 -20.47
C VAL E 280 -12.84 31.00 -21.32
N ALA E 281 -12.02 31.05 -22.36
CA ALA E 281 -11.82 29.88 -23.21
C ALA E 281 -11.14 28.75 -22.43
N ASP E 282 -10.14 29.08 -21.61
CA ASP E 282 -9.38 28.04 -20.91
C ASP E 282 -10.23 27.20 -19.96
N PRO E 283 -11.07 27.78 -19.08
CA PRO E 283 -11.83 26.92 -18.16
C PRO E 283 -12.88 26.06 -18.85
N ILE E 284 -13.72 26.64 -19.72
CA ILE E 284 -14.84 25.89 -20.28
C ILE E 284 -14.36 24.84 -21.27
N LEU E 285 -13.20 25.07 -21.90
CA LEU E 285 -12.73 24.13 -22.91
C LEU E 285 -11.90 23.00 -22.34
N TYR E 286 -11.57 23.06 -21.04
CA TYR E 286 -10.79 22.01 -20.39
C TYR E 286 -11.58 21.31 -19.30
N CYS E 287 -12.75 21.85 -18.93
CA CYS E 287 -13.56 21.22 -17.89
C CYS E 287 -14.94 20.83 -18.41
N LEU E 288 -15.66 21.78 -19.01
CA LEU E 288 -17.05 21.53 -19.38
C LEU E 288 -17.14 20.57 -20.57
N VAL E 289 -16.14 20.59 -21.45
CA VAL E 289 -16.17 19.75 -22.64
C VAL E 289 -16.15 18.27 -22.27
N ASN E 290 -15.27 17.92 -21.33
CA ASN E 290 -15.11 16.51 -20.96
C ASN E 290 -16.38 15.98 -20.31
N GLU E 291 -16.86 14.83 -20.80
CA GLU E 291 -18.09 14.25 -20.26
C GLU E 291 -17.90 13.82 -18.81
N GLY E 292 -16.76 13.19 -18.50
CA GLY E 292 -16.51 12.80 -17.11
C GLY E 292 -16.40 14.00 -16.19
N ALA E 293 -15.69 15.03 -16.63
CA ALA E 293 -15.63 16.27 -15.84
C ALA E 293 -16.98 16.95 -15.80
N ARG E 294 -17.78 16.82 -16.85
CA ARG E 294 -19.14 17.33 -16.81
C ARG E 294 -19.96 16.60 -15.76
N SER E 295 -19.79 15.28 -15.67
CA SER E 295 -20.42 14.53 -14.58
C SER E 295 -19.82 14.93 -13.24
N ASP E 296 -18.54 15.28 -13.22
CA ASP E 296 -17.92 15.78 -11.99
C ASP E 296 -18.57 17.07 -11.54
#